data_7JM5
#
_entry.id   7JM5
#
_cell.length_a   59.825
_cell.length_b   97.107
_cell.length_c   80.068
_cell.angle_alpha   90.000
_cell.angle_beta   106.516
_cell.angle_gamma   90.000
#
_symmetry.space_group_name_H-M   'P 1 21 1'
#
loop_
_entity.id
_entity.type
_entity.pdbx_description
1 polymer 'Lysine-specific demethylase 4B'
2 non-polymer 'NICKEL (II) ION'
3 non-polymer '3-[({(1R)-6-[methyl(phenyl)amino]-1,2,3,4-tetrahydronaphthalen-1-yl}methyl)amino]pyridine-4-carboxylic acid'
4 non-polymer 'ZINC ION'
5 water water
#
_entity_poly.entity_id   1
_entity_poly.type   'polypeptide(L)'
_entity_poly.pdbx_seq_one_letter_code
;SMGSEDHGAQNPSCKIMTFRPTMEEFKDFNKYVAYIESQGAHRAGLAKIIPPKEWKPRQTYDDIDDVVIPAPIQQVVTGQ
SGLFTQYNIQKKAMTVGEYRRLANSEKYCTPRHQDFDDLERKYWKNLTFVSPIYGADISGSLYDDDVAQWNIGSLRTILD
MVERECGTIIEGVNTPYLYFGMWKTTFAWHTEDMDLYSINYLHFGEPKSWYAIPPEHGKRLERLAIGFFPGSSQGCDAFL
RHKMTLISPIILKKYGIPFSRITQEAGEFMITFPYGYHAGFNHGFNCAESTNFATLRWIDYGKVATQCTCRKDMVKISMD
VFVRILQPERYELWKQGKDLTVLDHTRPTALTSPELSSWSASRASLK
;
_entity_poly.pdbx_strand_id   A,B
#
loop_
_chem_comp.id
_chem_comp.type
_chem_comp.name
_chem_comp.formula
9DJ non-polymer '3-[({(1R)-6-[methyl(phenyl)amino]-1,2,3,4-tetrahydronaphthalen-1-yl}methyl)amino]pyridine-4-carboxylic acid' 'C24 H25 N3 O2'
NI non-polymer 'NICKEL (II) ION' 'Ni 2'
ZN non-polymer 'ZINC ION' 'Zn 2'
#
# COMPACT_ATOMS: atom_id res chain seq x y z
N HIS A 7 3.89 29.84 -19.22
CA HIS A 7 4.20 30.31 -20.56
C HIS A 7 3.49 29.48 -21.63
N GLY A 8 4.04 29.45 -22.83
CA GLY A 8 3.46 28.69 -23.92
C GLY A 8 4.11 29.04 -25.24
N ALA A 9 3.74 28.26 -26.26
CA ALA A 9 4.21 28.46 -27.62
C ALA A 9 5.71 28.27 -27.75
N GLN A 10 6.30 27.48 -26.84
CA GLN A 10 7.72 27.16 -26.94
C GLN A 10 7.96 26.02 -27.92
N ASN A 11 7.25 24.91 -27.73
CA ASN A 11 7.29 23.77 -28.66
C ASN A 11 5.86 23.53 -29.14
N PRO A 12 5.36 24.36 -30.05
CA PRO A 12 3.96 24.21 -30.49
C PRO A 12 3.71 22.93 -31.27
N SER A 13 4.73 22.36 -31.91
CA SER A 13 4.60 21.11 -32.64
C SER A 13 4.64 19.89 -31.74
N CYS A 14 5.05 20.05 -30.48
CA CYS A 14 5.14 18.95 -29.51
C CYS A 14 6.13 17.88 -29.98
N LYS A 15 7.26 18.33 -30.53
CA LYS A 15 8.32 17.42 -30.94
C LYS A 15 9.11 16.93 -29.72
N ILE A 16 9.64 15.72 -29.84
CA ILE A 16 10.49 15.15 -28.79
C ILE A 16 11.87 15.79 -28.93
N MET A 17 12.27 16.57 -27.93
CA MET A 17 13.47 17.37 -28.02
C MET A 17 14.65 16.63 -27.39
N THR A 18 15.83 16.82 -27.98
CA THR A 18 17.06 16.19 -27.51
C THR A 18 18.00 17.26 -26.98
N PHE A 19 18.59 17.00 -25.82
CA PHE A 19 19.42 17.97 -25.12
C PHE A 19 20.83 17.42 -24.90
N ARG A 20 21.83 18.28 -25.10
CA ARG A 20 23.23 17.93 -24.90
C ARG A 20 23.86 18.99 -23.99
N PRO A 21 23.71 18.85 -22.68
CA PRO A 21 24.27 19.83 -21.76
C PRO A 21 25.76 19.66 -21.57
N THR A 22 26.41 20.77 -21.22
CA THR A 22 27.80 20.73 -20.78
C THR A 22 27.85 20.28 -19.32
N MET A 23 29.06 20.11 -18.80
CA MET A 23 29.20 19.63 -17.43
C MET A 23 28.66 20.65 -16.43
N GLU A 24 28.76 21.95 -16.74
CA GLU A 24 28.26 22.96 -15.82
C GLU A 24 26.74 23.01 -15.81
N GLU A 25 26.12 22.85 -16.98
CA GLU A 25 24.67 22.70 -17.04
C GLU A 25 24.18 21.39 -16.44
N PHE A 26 25.08 20.45 -16.21
CA PHE A 26 24.73 19.10 -15.78
C PHE A 26 24.81 18.90 -14.27
N LYS A 27 25.42 19.84 -13.54
CA LYS A 27 25.65 19.62 -12.11
C LYS A 27 24.37 19.70 -11.30
N ASP A 28 23.46 20.61 -11.65
CA ASP A 28 22.20 20.76 -10.96
C ASP A 28 21.10 20.05 -11.76
N PHE A 29 20.49 19.03 -11.16
CA PHE A 29 19.47 18.27 -11.86
C PHE A 29 18.16 19.05 -11.93
N ASN A 30 17.67 19.54 -10.79
CA ASN A 30 16.41 20.27 -10.77
C ASN A 30 16.45 21.51 -11.66
N LYS A 31 17.58 22.21 -11.66
CA LYS A 31 17.69 23.43 -12.46
C LYS A 31 17.61 23.13 -13.95
N TYR A 32 18.18 21.99 -14.38
CA TYR A 32 18.14 21.67 -15.81
C TYR A 32 16.75 21.20 -16.24
N VAL A 33 15.98 20.60 -15.33
CA VAL A 33 14.62 20.22 -15.66
C VAL A 33 13.77 21.47 -15.90
N ALA A 34 13.96 22.50 -15.07
CA ALA A 34 13.28 23.77 -15.31
C ALA A 34 13.70 24.38 -16.63
N TYR A 35 14.95 24.18 -17.05
CA TYR A 35 15.41 24.74 -18.31
C TYR A 35 14.73 24.07 -19.51
N ILE A 36 14.73 22.74 -19.54
CA ILE A 36 14.16 22.04 -20.68
C ILE A 36 12.66 22.29 -20.77
N GLU A 37 12.01 22.55 -19.63
CA GLU A 37 10.60 22.92 -19.67
C GLU A 37 10.42 24.38 -20.10
N SER A 38 11.39 25.24 -19.81
CA SER A 38 11.37 26.59 -20.36
C SER A 38 11.51 26.58 -21.88
N GLN A 39 12.10 25.51 -22.44
CA GLN A 39 12.19 25.34 -23.88
C GLN A 39 11.01 24.55 -24.45
N GLY A 40 10.19 23.95 -23.59
CA GLY A 40 9.01 23.24 -24.05
C GLY A 40 9.14 21.74 -24.20
N ALA A 41 10.12 21.12 -23.54
CA ALA A 41 10.29 19.68 -23.65
C ALA A 41 9.08 18.93 -23.10
N HIS A 42 8.49 19.44 -22.02
CA HIS A 42 7.35 18.80 -21.38
C HIS A 42 6.13 18.69 -22.30
N ARG A 43 6.08 19.46 -23.40
CA ARG A 43 4.93 19.41 -24.28
C ARG A 43 4.87 18.15 -25.13
N ALA A 44 5.96 17.39 -25.23
CA ALA A 44 5.96 16.14 -25.95
C ALA A 44 5.71 14.93 -25.04
N GLY A 45 5.80 15.12 -23.73
CA GLY A 45 5.70 14.02 -22.79
C GLY A 45 6.97 13.23 -22.60
N LEU A 46 8.00 13.49 -23.40
CA LEU A 46 9.23 12.70 -23.38
C LEU A 46 10.36 13.55 -23.93
N ALA A 47 11.52 13.46 -23.30
CA ALA A 47 12.69 14.23 -23.72
C ALA A 47 13.95 13.41 -23.50
N LYS A 48 14.87 13.49 -24.45
CA LYS A 48 16.16 12.80 -24.37
C LYS A 48 17.24 13.75 -23.89
N ILE A 49 18.06 13.28 -22.95
CA ILE A 49 19.18 14.03 -22.41
C ILE A 49 20.44 13.23 -22.66
N ILE A 50 21.37 13.80 -23.43
CA ILE A 50 22.65 13.17 -23.73
C ILE A 50 23.70 13.79 -22.81
N PRO A 51 24.21 13.07 -21.82
CA PRO A 51 25.19 13.65 -20.88
C PRO A 51 26.51 13.90 -21.57
N PRO A 52 27.34 14.78 -21.01
CA PRO A 52 28.69 14.97 -21.56
C PRO A 52 29.56 13.75 -21.33
N LYS A 53 30.64 13.67 -22.10
CA LYS A 53 31.49 12.48 -22.08
C LYS A 53 32.35 12.39 -20.82
N GLU A 54 32.53 13.50 -20.09
CA GLU A 54 33.30 13.42 -18.86
C GLU A 54 32.55 12.64 -17.78
N TRP A 55 31.23 12.59 -17.87
CA TRP A 55 30.39 11.93 -16.87
C TRP A 55 30.19 10.46 -17.25
N LYS A 56 30.46 9.56 -16.30
CA LYS A 56 30.20 8.14 -16.48
C LYS A 56 29.63 7.63 -15.16
N PRO A 57 28.47 6.96 -15.18
CA PRO A 57 27.83 6.58 -13.91
C PRO A 57 28.52 5.43 -13.20
N ARG A 58 29.02 4.45 -13.94
CA ARG A 58 29.75 3.32 -13.36
C ARG A 58 31.03 3.13 -14.13
N GLN A 59 32.10 2.76 -13.41
CA GLN A 59 33.40 2.62 -14.07
C GLN A 59 33.46 1.39 -14.96
N THR A 60 32.93 0.25 -14.49
CA THR A 60 32.94 -0.97 -15.30
C THR A 60 31.68 -1.78 -15.02
N TYR A 61 31.27 -2.56 -16.01
CA TYR A 61 30.06 -3.39 -15.93
C TYR A 61 30.39 -4.88 -16.01
N ASP A 62 31.50 -5.30 -15.39
CA ASP A 62 31.91 -6.70 -15.43
C ASP A 62 31.62 -7.44 -14.13
N ASP A 63 31.25 -6.74 -13.07
CA ASP A 63 30.87 -7.35 -11.81
C ASP A 63 29.41 -7.80 -11.80
N ILE A 64 28.67 -7.59 -12.89
CA ILE A 64 27.22 -7.72 -12.89
C ILE A 64 26.71 -9.12 -13.19
N ASP A 65 27.59 -10.04 -13.61
CA ASP A 65 27.11 -11.37 -14.02
C ASP A 65 26.55 -12.17 -12.86
N ASP A 66 26.93 -11.86 -11.62
CA ASP A 66 26.48 -12.61 -10.45
C ASP A 66 25.28 -11.97 -9.76
N VAL A 67 24.76 -10.86 -10.28
CA VAL A 67 23.62 -10.21 -9.66
C VAL A 67 22.37 -11.06 -9.88
N VAL A 68 21.48 -11.07 -8.88
CA VAL A 68 20.28 -11.89 -8.91
C VAL A 68 19.14 -11.07 -9.52
N ILE A 69 18.38 -11.70 -10.42
CA ILE A 69 17.13 -11.15 -10.91
C ILE A 69 16.01 -11.89 -10.17
N PRO A 70 15.45 -11.33 -9.09
CA PRO A 70 14.56 -12.11 -8.24
C PRO A 70 13.31 -12.61 -8.94
N ALA A 71 12.59 -11.74 -9.66
CA ALA A 71 11.33 -12.08 -10.29
C ALA A 71 11.34 -11.65 -11.75
N PRO A 72 11.93 -12.45 -12.64
CA PRO A 72 11.74 -12.21 -14.07
C PRO A 72 10.30 -12.54 -14.47
N ILE A 73 9.86 -11.90 -15.54
CA ILE A 73 8.50 -12.09 -16.03
C ILE A 73 8.53 -12.54 -17.49
N GLN A 74 7.71 -13.54 -17.80
CA GLN A 74 7.48 -13.96 -19.17
C GLN A 74 6.28 -13.17 -19.71
N GLN A 75 6.52 -12.38 -20.74
CA GLN A 75 5.51 -11.48 -21.28
C GLN A 75 4.71 -12.22 -22.35
N VAL A 76 3.48 -12.59 -22.03
CA VAL A 76 2.58 -13.31 -22.92
C VAL A 76 1.59 -12.31 -23.49
N VAL A 77 1.65 -12.08 -24.79
CA VAL A 77 0.83 -11.08 -25.47
C VAL A 77 -0.23 -11.79 -26.31
N THR A 78 -1.48 -11.37 -26.15
CA THR A 78 -2.59 -11.85 -26.95
C THR A 78 -3.18 -10.68 -27.73
N GLY A 79 -3.79 -10.98 -28.88
CA GLY A 79 -4.44 -9.93 -29.64
C GLY A 79 -4.24 -10.03 -31.14
N GLN A 80 -4.82 -9.08 -31.88
CA GLN A 80 -4.78 -9.09 -33.33
C GLN A 80 -4.96 -7.66 -33.84
N SER A 81 -4.37 -7.40 -35.02
CA SER A 81 -4.63 -6.18 -35.78
C SER A 81 -4.25 -4.93 -35.00
N GLY A 82 -3.05 -4.94 -34.43
CA GLY A 82 -2.51 -3.76 -33.77
C GLY A 82 -3.08 -3.44 -32.41
N LEU A 83 -4.03 -4.24 -31.92
CA LEU A 83 -4.59 -4.07 -30.58
C LEU A 83 -4.26 -5.33 -29.78
N PHE A 84 -3.57 -5.16 -28.65
CA PHE A 84 -3.06 -6.28 -27.90
C PHE A 84 -3.26 -6.07 -26.40
N THR A 85 -3.12 -7.16 -25.66
CA THR A 85 -3.10 -7.16 -24.21
C THR A 85 -1.98 -8.09 -23.77
N GLN A 86 -1.07 -7.60 -22.95
CA GLN A 86 0.09 -8.39 -22.51
C GLN A 86 -0.09 -8.79 -21.05
N TYR A 87 0.20 -10.04 -20.74
CA TYR A 87 0.21 -10.54 -19.38
C TYR A 87 1.65 -10.80 -18.95
N ASN A 88 1.90 -10.66 -17.66
CA ASN A 88 3.25 -10.80 -17.11
C ASN A 88 3.25 -11.97 -16.12
N ILE A 89 3.70 -13.12 -16.57
CA ILE A 89 3.76 -14.33 -15.76
C ILE A 89 5.12 -14.40 -15.09
N GLN A 90 5.13 -14.52 -13.77
CA GLN A 90 6.40 -14.57 -13.04
C GLN A 90 7.05 -15.94 -13.23
N LYS A 91 8.36 -15.92 -13.43
CA LYS A 91 9.15 -17.13 -13.61
C LYS A 91 10.20 -17.23 -12.50
N LYS A 92 11.00 -18.28 -12.57
CA LYS A 92 12.01 -18.55 -11.57
C LYS A 92 13.12 -17.50 -11.61
N ALA A 93 13.85 -17.39 -10.50
CA ALA A 93 14.94 -16.43 -10.41
C ALA A 93 16.14 -16.91 -11.23
N MET A 94 16.93 -15.94 -11.71
CA MET A 94 18.11 -16.25 -12.49
C MET A 94 19.11 -15.11 -12.33
N THR A 95 20.32 -15.35 -12.80
CA THR A 95 21.39 -14.35 -12.74
C THR A 95 21.47 -13.60 -14.07
N VAL A 96 22.30 -12.55 -14.08
CA VAL A 96 22.43 -11.72 -15.28
C VAL A 96 23.20 -12.47 -16.36
N GLY A 97 24.23 -13.23 -15.98
CA GLY A 97 24.93 -14.05 -16.94
C GLY A 97 24.00 -15.05 -17.61
N GLU A 98 23.10 -15.66 -16.83
CA GLU A 98 22.11 -16.56 -17.42
C GLU A 98 21.13 -15.80 -18.30
N TYR A 99 20.71 -14.60 -17.87
CA TYR A 99 19.77 -13.83 -18.66
C TYR A 99 20.40 -13.36 -19.97
N ARG A 100 21.68 -13.01 -19.94
CA ARG A 100 22.37 -12.59 -21.17
C ARG A 100 22.49 -13.75 -22.15
N ARG A 101 22.79 -14.95 -21.65
CA ARG A 101 22.87 -16.11 -22.53
C ARG A 101 21.49 -16.51 -23.06
N LEU A 102 20.43 -16.25 -22.29
CA LEU A 102 19.08 -16.51 -22.77
C LEU A 102 18.62 -15.45 -23.77
N ALA A 103 19.07 -14.21 -23.61
CA ALA A 103 18.69 -13.16 -24.55
C ALA A 103 19.32 -13.38 -25.93
N ASN A 104 20.58 -13.81 -25.95
CA ASN A 104 21.27 -14.09 -27.21
C ASN A 104 21.03 -15.52 -27.70
N SER A 105 20.18 -16.29 -27.02
CA SER A 105 19.73 -17.55 -27.55
C SER A 105 18.98 -17.34 -28.86
N GLU A 106 19.00 -18.35 -29.72
CA GLU A 106 18.33 -18.24 -31.02
C GLU A 106 16.85 -17.94 -30.86
N LYS A 107 16.25 -18.41 -29.77
CA LYS A 107 14.82 -18.23 -29.56
C LYS A 107 14.47 -16.78 -29.26
N TYR A 108 15.35 -16.06 -28.57
CA TYR A 108 15.06 -14.71 -28.12
C TYR A 108 15.94 -13.64 -28.77
N CYS A 109 16.88 -14.01 -29.64
CA CYS A 109 17.83 -13.04 -30.16
C CYS A 109 17.14 -12.06 -31.11
N THR A 110 17.82 -10.94 -31.34
CA THR A 110 17.29 -9.90 -32.22
C THR A 110 17.31 -10.39 -33.67
N PRO A 111 16.21 -10.25 -34.40
CA PRO A 111 16.18 -10.74 -35.78
C PRO A 111 17.04 -9.87 -36.70
N ARG A 112 17.29 -10.41 -37.89
CA ARG A 112 17.92 -9.62 -38.94
C ARG A 112 16.95 -8.56 -39.43
N HIS A 113 17.43 -7.33 -39.55
CA HIS A 113 16.58 -6.22 -39.95
C HIS A 113 17.40 -5.22 -40.75
N GLN A 114 16.78 -4.67 -41.79
CA GLN A 114 17.46 -3.69 -42.63
C GLN A 114 17.68 -2.39 -41.87
N ASP A 115 16.61 -1.82 -41.31
CA ASP A 115 16.68 -0.58 -40.56
C ASP A 115 15.75 -0.72 -39.36
N PHE A 116 15.43 0.41 -38.72
CA PHE A 116 14.45 0.38 -37.64
C PHE A 116 13.06 0.08 -38.16
N ASP A 117 12.68 0.70 -39.28
CA ASP A 117 11.37 0.44 -39.87
C ASP A 117 11.15 -1.04 -40.10
N ASP A 118 12.19 -1.76 -40.48
CA ASP A 118 12.10 -3.21 -40.60
C ASP A 118 11.96 -3.86 -39.22
N LEU A 119 12.73 -3.39 -38.24
CA LEU A 119 12.64 -3.95 -36.89
C LEU A 119 11.30 -3.61 -36.24
N GLU A 120 10.80 -2.40 -36.49
CA GLU A 120 9.48 -2.03 -35.98
C GLU A 120 8.41 -2.92 -36.60
N ARG A 121 8.52 -3.20 -37.90
CA ARG A 121 7.56 -4.06 -38.58
C ARG A 121 7.56 -5.47 -37.99
N LYS A 122 8.75 -6.02 -37.75
CA LYS A 122 8.85 -7.37 -37.19
C LYS A 122 8.41 -7.44 -35.73
N TYR A 123 8.49 -6.32 -35.00
CA TYR A 123 8.00 -6.31 -33.62
C TYR A 123 6.48 -6.51 -33.58
N TRP A 124 5.75 -5.69 -34.33
CA TRP A 124 4.28 -5.78 -34.35
C TRP A 124 3.78 -6.97 -35.15
N LYS A 125 4.65 -7.65 -35.91
CA LYS A 125 4.24 -8.84 -36.65
C LYS A 125 4.49 -10.12 -35.87
N ASN A 126 5.50 -10.14 -35.00
CA ASN A 126 5.88 -11.34 -34.24
C ASN A 126 5.57 -11.21 -32.76
N LEU A 127 4.71 -10.26 -32.38
CA LEU A 127 4.44 -10.02 -30.96
C LEU A 127 3.80 -11.24 -30.30
N THR A 128 2.86 -11.90 -30.98
CA THR A 128 2.11 -13.02 -30.43
C THR A 128 2.92 -14.31 -30.34
N PHE A 129 3.88 -14.51 -31.26
CA PHE A 129 4.44 -15.84 -31.51
C PHE A 129 5.37 -16.33 -30.40
N VAL A 130 6.22 -15.47 -29.84
CA VAL A 130 7.17 -15.88 -28.80
C VAL A 130 7.03 -14.97 -27.59
N SER A 131 7.03 -15.55 -26.39
CA SER A 131 6.90 -14.79 -25.15
C SER A 131 8.28 -14.54 -24.56
N PRO A 132 8.79 -13.32 -24.60
CA PRO A 132 10.13 -13.06 -24.09
C PRO A 132 10.15 -12.91 -22.58
N ILE A 133 11.36 -13.01 -22.02
CA ILE A 133 11.60 -12.87 -20.59
C ILE A 133 12.20 -11.49 -20.33
N TYR A 134 11.65 -10.79 -19.34
CA TYR A 134 12.06 -9.42 -19.03
C TYR A 134 12.44 -9.35 -17.56
N GLY A 135 13.72 -9.09 -17.28
CA GLY A 135 14.16 -8.92 -15.91
C GLY A 135 13.87 -7.52 -15.39
N ALA A 136 12.59 -7.24 -15.15
CA ALA A 136 12.13 -5.89 -14.85
C ALA A 136 11.88 -5.70 -13.35
N ASP A 137 11.85 -4.44 -12.94
CA ASP A 137 11.44 -4.03 -11.60
C ASP A 137 12.34 -4.64 -10.52
N ILE A 138 13.64 -4.63 -10.76
CA ILE A 138 14.61 -5.11 -9.78
C ILE A 138 14.98 -3.94 -8.86
N SER A 139 14.81 -4.13 -7.56
CA SER A 139 15.14 -3.10 -6.60
C SER A 139 16.66 -3.01 -6.46
N GLY A 140 17.25 -1.97 -7.03
CA GLY A 140 18.69 -1.82 -6.98
C GLY A 140 19.14 -0.76 -7.97
N SER A 141 20.45 -0.52 -7.94
CA SER A 141 21.08 0.48 -8.80
C SER A 141 22.46 0.01 -9.20
N LEU A 142 22.92 0.50 -10.36
CA LEU A 142 24.25 0.18 -10.86
C LEU A 142 25.20 1.36 -10.77
N TYR A 143 24.79 2.48 -10.17
CA TYR A 143 25.65 3.63 -10.04
C TYR A 143 26.79 3.35 -9.06
N ASP A 144 27.88 4.08 -9.24
CA ASP A 144 28.90 4.16 -8.21
C ASP A 144 28.44 5.10 -7.10
N ASP A 145 29.07 4.97 -5.93
CA ASP A 145 28.66 5.77 -4.78
C ASP A 145 29.04 7.24 -4.94
N ASP A 146 30.17 7.53 -5.58
CA ASP A 146 30.67 8.90 -5.64
C ASP A 146 30.01 9.75 -6.71
N VAL A 147 29.12 9.17 -7.53
CA VAL A 147 28.48 9.94 -8.59
C VAL A 147 27.56 10.98 -7.97
N ALA A 148 27.84 12.26 -8.24
CA ALA A 148 27.07 13.37 -7.67
C ALA A 148 26.14 14.05 -8.66
N GLN A 149 26.34 13.84 -9.96
CA GLN A 149 25.46 14.43 -10.97
C GLN A 149 24.51 13.37 -11.51
N TRP A 150 23.22 13.68 -11.46
CA TRP A 150 22.17 12.84 -12.05
C TRP A 150 22.25 11.41 -11.52
N ASN A 151 22.40 11.30 -10.21
CA ASN A 151 22.41 10.00 -9.54
C ASN A 151 20.95 9.58 -9.32
N ILE A 152 20.50 8.58 -10.09
CA ILE A 152 19.11 8.15 -10.03
C ILE A 152 18.73 7.70 -8.63
N GLY A 153 19.69 7.21 -7.85
CA GLY A 153 19.40 6.79 -6.49
C GLY A 153 19.20 7.94 -5.52
N SER A 154 19.57 9.16 -5.92
CA SER A 154 19.41 10.32 -5.04
C SER A 154 19.36 11.61 -5.85
N LEU A 155 18.19 11.95 -6.40
CA LEU A 155 18.04 13.11 -7.26
C LEU A 155 17.79 14.42 -6.51
N ARG A 156 17.33 14.34 -5.25
CA ARG A 156 17.08 15.52 -4.43
C ARG A 156 16.03 16.44 -5.08
N THR A 157 14.88 15.88 -5.41
CA THR A 157 13.74 16.66 -5.87
C THR A 157 12.72 16.75 -4.74
N ILE A 158 11.59 17.41 -5.02
CA ILE A 158 10.55 17.57 -4.00
C ILE A 158 9.76 16.29 -3.77
N LEU A 159 10.06 15.21 -4.48
CA LEU A 159 9.51 13.91 -4.13
C LEU A 159 10.08 13.38 -2.82
N ASP A 160 11.18 13.97 -2.33
CA ASP A 160 11.75 13.57 -1.05
C ASP A 160 10.90 14.00 0.13
N MET A 161 9.92 14.89 -0.08
CA MET A 161 9.06 15.31 1.03
C MET A 161 8.25 14.15 1.59
N VAL A 162 7.96 13.14 0.77
CA VAL A 162 7.26 11.96 1.25
C VAL A 162 8.10 11.24 2.29
N GLU A 163 9.36 10.96 1.96
CA GLU A 163 10.24 10.24 2.89
C GLU A 163 10.72 11.13 4.02
N ARG A 164 10.92 12.43 3.76
CA ARG A 164 11.46 13.32 4.77
C ARG A 164 10.41 13.72 5.81
N GLU A 165 9.14 13.71 5.44
CA GLU A 165 8.07 14.11 6.34
C GLU A 165 7.23 12.93 6.83
N CYS A 166 6.82 12.04 5.92
CA CYS A 166 5.99 10.90 6.28
C CYS A 166 6.74 9.58 6.30
N GLY A 167 8.01 9.55 5.89
CA GLY A 167 8.82 8.37 5.97
C GLY A 167 8.46 7.24 5.04
N THR A 168 7.45 7.40 4.20
CA THR A 168 7.03 6.34 3.29
C THR A 168 8.09 6.13 2.22
N ILE A 169 8.41 4.87 1.96
CA ILE A 169 9.35 4.49 0.91
C ILE A 169 8.65 3.51 -0.03
N ILE A 170 8.56 3.87 -1.30
CA ILE A 170 7.87 3.08 -2.32
C ILE A 170 8.89 2.69 -3.39
N GLU A 171 9.03 1.40 -3.64
CA GLU A 171 10.07 0.91 -4.54
C GLU A 171 9.70 1.15 -6.00
N GLY A 172 10.68 1.62 -6.77
CA GLY A 172 10.45 2.09 -8.12
C GLY A 172 9.99 3.52 -8.23
N VAL A 173 9.58 4.12 -7.10
CA VAL A 173 9.13 5.50 -7.03
C VAL A 173 10.06 6.34 -6.17
N ASN A 174 10.34 5.90 -4.94
CA ASN A 174 11.38 6.51 -4.14
C ASN A 174 12.75 5.89 -4.37
N THR A 175 12.79 4.64 -4.85
CA THR A 175 14.02 3.88 -5.05
C THR A 175 14.22 3.59 -6.53
N PRO A 176 15.46 3.37 -6.97
CA PRO A 176 15.70 3.02 -8.36
C PRO A 176 15.26 1.59 -8.67
N TYR A 177 14.88 1.38 -9.92
CA TYR A 177 14.58 0.06 -10.46
C TYR A 177 15.57 -0.28 -11.57
N LEU A 178 15.82 -1.56 -11.75
CA LEU A 178 16.69 -2.05 -12.82
C LEU A 178 15.87 -2.82 -13.84
N TYR A 179 16.23 -2.67 -15.11
CA TYR A 179 15.51 -3.28 -16.22
C TYR A 179 16.51 -3.97 -17.16
N PHE A 180 16.71 -5.27 -16.98
CA PHE A 180 17.45 -6.08 -17.94
C PHE A 180 16.48 -6.58 -19.00
N GLY A 181 16.76 -6.25 -20.26
CA GLY A 181 15.84 -6.54 -21.35
C GLY A 181 16.43 -7.49 -22.38
N MET A 182 15.54 -7.99 -23.22
CA MET A 182 15.90 -8.74 -24.41
C MET A 182 14.95 -8.30 -25.53
N TRP A 183 15.18 -8.83 -26.73
CA TRP A 183 14.35 -8.48 -27.87
C TRP A 183 12.88 -8.76 -27.57
N LYS A 184 12.02 -7.83 -27.97
CA LYS A 184 10.56 -7.88 -27.89
C LYS A 184 10.01 -7.65 -26.48
N THR A 185 10.85 -7.37 -25.49
CA THR A 185 10.34 -7.06 -24.17
C THR A 185 9.70 -5.67 -24.17
N THR A 186 8.44 -5.60 -23.70
CA THR A 186 7.59 -4.44 -23.90
C THR A 186 7.12 -3.88 -22.57
N PHE A 187 7.04 -2.55 -22.49
CA PHE A 187 6.27 -1.86 -21.46
C PHE A 187 5.07 -1.19 -22.12
N ALA A 188 3.88 -1.45 -21.57
CA ALA A 188 2.63 -1.08 -22.22
C ALA A 188 2.33 0.41 -22.03
N TRP A 189 1.32 0.88 -22.75
CA TRP A 189 0.90 2.27 -22.65
C TRP A 189 0.49 2.59 -21.22
N HIS A 190 1.11 3.62 -20.66
CA HIS A 190 0.88 3.95 -19.25
C HIS A 190 1.38 5.36 -18.98
N THR A 191 0.96 5.88 -17.83
CA THR A 191 1.56 7.07 -17.22
C THR A 191 2.12 6.67 -15.86
N GLU A 192 3.07 7.45 -15.36
CA GLU A 192 3.69 7.14 -14.09
C GLU A 192 2.69 7.31 -12.95
N ASP A 193 2.94 6.59 -11.85
CA ASP A 193 2.07 6.66 -10.69
C ASP A 193 1.92 8.09 -10.21
N MET A 194 0.68 8.50 -9.98
CA MET A 194 0.33 9.87 -9.58
C MET A 194 0.73 10.90 -10.65
N ASP A 195 0.85 10.45 -11.91
CA ASP A 195 1.29 11.31 -13.00
C ASP A 195 2.64 11.96 -12.68
N LEU A 196 3.51 11.21 -12.01
CA LEU A 196 4.82 11.71 -11.65
C LEU A 196 5.73 11.77 -12.88
N TYR A 197 6.84 12.47 -12.72
CA TYR A 197 7.93 12.38 -13.68
C TYR A 197 8.60 11.02 -13.57
N SER A 198 9.40 10.69 -14.58
CA SER A 198 10.25 9.51 -14.51
C SER A 198 11.52 9.80 -15.29
N ILE A 199 12.62 9.20 -14.86
CA ILE A 199 13.90 9.34 -15.52
C ILE A 199 14.44 7.94 -15.79
N ASN A 200 14.83 7.69 -17.04
CA ASN A 200 15.33 6.39 -17.45
C ASN A 200 16.71 6.55 -18.09
N TYR A 201 17.66 5.76 -17.64
CA TYR A 201 19.03 5.79 -18.18
C TYR A 201 19.39 4.41 -18.70
N LEU A 202 19.93 4.35 -19.91
CA LEU A 202 20.31 3.07 -20.51
C LEU A 202 21.78 2.82 -20.20
N HIS A 203 22.05 1.84 -19.33
CA HIS A 203 23.42 1.60 -18.88
C HIS A 203 24.28 1.06 -20.01
N PHE A 204 23.83 -0.01 -20.68
CA PHE A 204 24.62 -0.62 -21.74
C PHE A 204 23.69 -1.43 -22.64
N GLY A 205 24.19 -1.73 -23.82
CA GLY A 205 23.55 -2.71 -24.68
C GLY A 205 22.71 -2.12 -25.79
N GLU A 206 21.79 -2.95 -26.29
CA GLU A 206 21.00 -2.63 -27.45
C GLU A 206 20.01 -1.50 -27.16
N PRO A 207 19.55 -0.80 -28.18
CA PRO A 207 18.68 0.36 -27.96
C PRO A 207 17.32 -0.01 -27.38
N LYS A 208 16.69 0.99 -26.79
CA LYS A 208 15.33 0.91 -26.28
C LYS A 208 14.50 1.98 -26.98
N SER A 209 13.43 1.58 -27.64
CA SER A 209 12.61 2.49 -28.42
C SER A 209 11.39 2.94 -27.62
N TRP A 210 11.00 4.20 -27.82
CA TRP A 210 9.92 4.83 -27.08
C TRP A 210 8.89 5.40 -28.03
N TYR A 211 7.61 5.18 -27.71
CA TYR A 211 6.50 5.94 -28.28
C TYR A 211 5.94 6.83 -27.18
N ALA A 212 5.62 8.07 -27.53
CA ALA A 212 5.14 9.03 -26.53
C ALA A 212 4.03 9.88 -27.12
N ILE A 213 3.01 10.14 -26.31
CA ILE A 213 1.88 10.98 -26.68
C ILE A 213 1.95 12.24 -25.83
N PRO A 214 1.83 13.43 -26.42
CA PRO A 214 1.88 14.67 -25.65
C PRO A 214 0.77 14.73 -24.62
N PRO A 215 1.06 15.22 -23.41
CA PRO A 215 0.03 15.24 -22.35
C PRO A 215 -1.22 16.01 -22.71
N GLU A 216 -1.16 16.97 -23.62
CA GLU A 216 -2.37 17.71 -24.00
C GLU A 216 -3.26 16.91 -24.96
N HIS A 217 -2.83 15.72 -25.38
CA HIS A 217 -3.66 14.83 -26.17
C HIS A 217 -3.84 13.48 -25.49
N GLY A 218 -3.40 13.33 -24.25
CA GLY A 218 -3.51 12.05 -23.57
C GLY A 218 -4.94 11.56 -23.44
N LYS A 219 -5.88 12.49 -23.28
CA LYS A 219 -7.29 12.13 -23.18
C LYS A 219 -7.80 11.50 -24.47
N ARG A 220 -7.18 11.80 -25.62
CA ARG A 220 -7.60 11.17 -26.86
C ARG A 220 -7.20 9.70 -26.91
N LEU A 221 -6.08 9.34 -26.26
CA LEU A 221 -5.74 7.93 -26.15
C LEU A 221 -6.67 7.22 -25.16
N GLU A 222 -7.07 7.91 -24.10
CA GLU A 222 -7.94 7.29 -23.10
C GLU A 222 -9.33 7.05 -23.67
N ARG A 223 -9.83 7.96 -24.51
CA ARG A 223 -11.09 7.69 -25.20
C ARG A 223 -10.93 6.56 -26.21
N LEU A 224 -9.77 6.46 -26.85
CA LEU A 224 -9.54 5.39 -27.82
C LEU A 224 -9.56 4.02 -27.15
N ALA A 225 -8.88 3.89 -26.01
CA ALA A 225 -8.83 2.59 -25.32
C ALA A 225 -10.20 2.21 -24.78
N ILE A 226 -10.95 3.18 -24.25
CA ILE A 226 -12.31 2.91 -23.79
C ILE A 226 -13.19 2.46 -24.95
N GLY A 227 -12.93 2.97 -26.16
CA GLY A 227 -13.69 2.55 -27.32
C GLY A 227 -13.51 1.08 -27.66
N PHE A 228 -12.32 0.53 -27.39
CA PHE A 228 -12.05 -0.86 -27.72
C PHE A 228 -12.48 -1.83 -26.61
N PHE A 229 -12.36 -1.43 -25.35
CA PHE A 229 -12.83 -2.25 -24.24
C PHE A 229 -13.86 -1.47 -23.44
N PRO A 230 -15.13 -1.89 -23.43
CA PRO A 230 -16.16 -1.14 -22.69
C PRO A 230 -15.98 -1.21 -21.19
N GLY A 231 -15.03 -0.45 -20.65
CA GLY A 231 -14.80 -0.40 -19.21
C GLY A 231 -14.26 0.94 -18.73
N ALA A 238 -9.95 4.32 -14.58
CA ALA A 238 -8.60 4.45 -15.10
C ALA A 238 -7.99 3.07 -15.34
N PHE A 239 -8.59 2.32 -16.27
CA PHE A 239 -8.15 0.94 -16.50
C PHE A 239 -6.83 0.87 -17.23
N LEU A 240 -6.40 1.94 -17.89
CA LEU A 240 -5.06 1.97 -18.47
C LEU A 240 -3.98 2.00 -17.40
N ARG A 241 -4.35 2.19 -16.13
CA ARG A 241 -3.40 2.05 -15.03
C ARG A 241 -3.08 0.59 -14.73
N HIS A 242 -3.78 -0.35 -15.37
CA HIS A 242 -3.35 -1.75 -15.33
C HIS A 242 -2.05 -1.95 -16.11
N LYS A 243 -1.75 -1.04 -17.03
CA LYS A 243 -0.46 -1.00 -17.74
C LYS A 243 -0.18 -2.30 -18.47
N MET A 244 -1.18 -2.74 -19.27
CA MET A 244 -1.04 -3.96 -20.04
C MET A 244 -1.86 -3.89 -21.32
N THR A 245 -1.92 -2.70 -21.93
CA THR A 245 -2.62 -2.50 -23.18
C THR A 245 -1.62 -2.04 -24.24
N LEU A 246 -1.58 -2.74 -25.36
CA LEU A 246 -0.67 -2.44 -26.46
C LEU A 246 -1.47 -1.95 -27.66
N ILE A 247 -1.10 -0.80 -28.20
CA ILE A 247 -1.74 -0.23 -29.38
C ILE A 247 -0.67 0.06 -30.41
N SER A 248 -0.87 -0.43 -31.63
CA SER A 248 0.09 -0.20 -32.70
C SER A 248 0.05 1.26 -33.15
N PRO A 249 1.17 1.79 -33.63
CA PRO A 249 1.14 3.14 -34.23
C PRO A 249 0.26 3.22 -35.47
N ILE A 250 -0.02 2.09 -36.12
CA ILE A 250 -0.99 2.09 -37.23
C ILE A 250 -2.36 2.53 -36.73
N ILE A 251 -2.75 2.02 -35.56
CA ILE A 251 -4.06 2.39 -35.00
C ILE A 251 -4.08 3.85 -34.59
N LEU A 252 -3.00 4.32 -33.95
CA LEU A 252 -2.94 5.72 -33.53
C LEU A 252 -3.01 6.66 -34.73
N LYS A 253 -2.26 6.36 -35.79
CA LYS A 253 -2.27 7.20 -36.98
C LYS A 253 -3.61 7.14 -37.71
N LYS A 254 -4.41 6.10 -37.48
CA LYS A 254 -5.71 6.01 -38.14
C LYS A 254 -6.71 6.93 -37.46
N TYR A 255 -6.76 6.93 -36.13
CA TYR A 255 -7.71 7.73 -35.38
C TYR A 255 -7.17 9.11 -35.01
N GLY A 256 -6.00 9.49 -35.53
CA GLY A 256 -5.52 10.84 -35.37
C GLY A 256 -4.89 11.16 -34.03
N ILE A 257 -4.50 10.16 -33.24
CA ILE A 257 -3.84 10.40 -31.97
C ILE A 257 -2.43 10.89 -32.25
N PRO A 258 -2.06 12.11 -31.87
CA PRO A 258 -0.70 12.58 -32.10
C PRO A 258 0.30 11.81 -31.26
N PHE A 259 1.41 11.43 -31.88
CA PHE A 259 2.47 10.71 -31.16
C PHE A 259 3.77 10.89 -31.92
N SER A 260 4.87 10.78 -31.19
CA SER A 260 6.21 10.80 -31.77
C SER A 260 6.96 9.58 -31.29
N ARG A 261 8.07 9.29 -31.99
CA ARG A 261 8.89 8.12 -31.71
C ARG A 261 10.34 8.52 -31.65
N ILE A 262 11.09 7.91 -30.73
CA ILE A 262 12.52 8.16 -30.58
C ILE A 262 13.16 6.90 -30.03
N THR A 263 14.43 6.71 -30.36
CA THR A 263 15.20 5.55 -29.92
C THR A 263 16.27 5.98 -28.94
N GLN A 264 16.26 5.38 -27.76
CA GLN A 264 17.22 5.66 -26.69
C GLN A 264 18.37 4.67 -26.77
N GLU A 265 19.59 5.19 -26.80
CA GLU A 265 20.79 4.36 -26.94
C GLU A 265 21.56 4.32 -25.64
N ALA A 266 22.54 3.40 -25.58
CA ALA A 266 23.30 3.17 -24.36
C ALA A 266 24.04 4.43 -23.94
N GLY A 267 23.76 4.90 -22.73
CA GLY A 267 24.37 6.11 -22.21
C GLY A 267 23.52 7.35 -22.28
N GLU A 268 22.28 7.24 -22.75
CA GLU A 268 21.40 8.38 -22.92
C GLU A 268 20.27 8.34 -21.88
N PHE A 269 19.87 9.53 -21.43
CA PHE A 269 18.79 9.69 -20.48
C PHE A 269 17.48 9.96 -21.21
N MET A 270 16.38 9.48 -20.62
CA MET A 270 15.04 9.79 -21.08
C MET A 270 14.22 10.27 -19.90
N ILE A 271 13.52 11.38 -20.08
CA ILE A 271 12.61 11.93 -19.08
C ILE A 271 11.19 11.80 -19.59
N THR A 272 10.31 11.25 -18.78
CA THR A 272 8.88 11.30 -19.05
C THR A 272 8.25 12.36 -18.16
N PHE A 273 7.28 13.07 -18.70
CA PHE A 273 6.67 14.21 -18.04
C PHE A 273 5.28 13.87 -17.52
N PRO A 274 4.77 14.62 -16.55
CA PRO A 274 3.44 14.33 -16.00
C PRO A 274 2.37 14.21 -17.07
N TYR A 275 1.56 13.16 -16.96
CA TYR A 275 0.52 12.81 -17.92
C TYR A 275 1.08 12.57 -19.31
N GLY A 276 2.36 12.24 -19.41
CA GLY A 276 2.95 11.82 -20.66
C GLY A 276 2.83 10.32 -20.86
N TYR A 277 1.92 9.91 -21.74
CA TYR A 277 1.76 8.48 -22.02
C TYR A 277 2.92 7.99 -22.86
N HIS A 278 3.55 6.91 -22.42
CA HIS A 278 4.66 6.30 -23.15
C HIS A 278 4.51 4.79 -23.20
N ALA A 279 5.17 4.21 -24.20
CA ALA A 279 5.21 2.77 -24.41
C ALA A 279 6.37 2.47 -25.33
N GLY A 280 6.87 1.24 -25.29
CA GLY A 280 7.99 0.89 -26.12
C GLY A 280 8.47 -0.53 -25.88
N PHE A 281 9.64 -0.83 -26.43
CA PHE A 281 10.21 -2.15 -26.41
C PHE A 281 11.73 -2.07 -26.49
N ASN A 282 12.39 -3.17 -26.16
CA ASN A 282 13.84 -3.26 -26.23
C ASN A 282 14.26 -3.98 -27.51
N HIS A 283 15.35 -3.49 -28.11
CA HIS A 283 15.86 -4.09 -29.35
C HIS A 283 16.59 -5.39 -29.09
N GLY A 284 17.22 -5.52 -27.93
CA GLY A 284 17.97 -6.72 -27.57
C GLY A 284 18.40 -6.68 -26.13
N PHE A 285 19.56 -7.27 -25.82
CA PHE A 285 20.04 -7.27 -24.44
C PHE A 285 20.47 -5.85 -24.06
N ASN A 286 19.88 -5.33 -22.99
CA ASN A 286 20.26 -4.02 -22.46
C ASN A 286 19.94 -3.98 -20.98
N CYS A 287 20.45 -2.94 -20.31
CA CYS A 287 20.16 -2.69 -18.92
C CYS A 287 19.77 -1.23 -18.75
N ALA A 288 18.64 -0.99 -18.12
CA ALA A 288 18.13 0.36 -17.89
C ALA A 288 17.89 0.56 -16.40
N GLU A 289 18.02 1.81 -15.97
CA GLU A 289 17.78 2.19 -14.58
C GLU A 289 16.77 3.34 -14.57
N SER A 290 15.80 3.26 -13.66
CA SER A 290 14.67 4.17 -13.68
C SER A 290 14.17 4.45 -12.27
N THR A 291 13.68 5.67 -12.09
CA THR A 291 12.97 6.06 -10.87
C THR A 291 12.02 7.19 -11.22
N ASN A 292 11.16 7.54 -10.26
CA ASN A 292 10.25 8.67 -10.41
C ASN A 292 10.76 9.87 -9.63
N PHE A 293 10.41 11.06 -10.10
CA PHE A 293 10.72 12.29 -9.40
C PHE A 293 9.60 13.30 -9.66
N ALA A 294 9.77 14.50 -9.12
CA ALA A 294 8.72 15.50 -9.22
C ALA A 294 9.33 16.89 -9.17
N THR A 295 8.64 17.84 -9.79
CA THR A 295 8.90 19.26 -9.66
C THR A 295 7.68 19.92 -9.02
N LEU A 296 7.77 21.25 -8.83
CA LEU A 296 6.66 21.98 -8.23
C LEU A 296 5.40 21.90 -9.08
N ARG A 297 5.54 21.80 -10.41
CA ARG A 297 4.40 21.72 -11.30
C ARG A 297 3.62 20.42 -11.14
N TRP A 298 4.24 19.37 -10.62
CA TRP A 298 3.58 18.07 -10.55
C TRP A 298 2.45 18.05 -9.52
N ILE A 299 2.52 18.91 -8.50
CA ILE A 299 1.57 18.84 -7.38
C ILE A 299 0.13 18.89 -7.89
N ASP A 300 -0.15 19.77 -8.85
CA ASP A 300 -1.49 19.84 -9.42
C ASP A 300 -1.82 18.60 -10.24
N TYR A 301 -0.80 17.95 -10.81
CA TYR A 301 -1.03 16.71 -11.54
C TYR A 301 -1.34 15.56 -10.60
N GLY A 302 -0.68 15.52 -9.43
CA GLY A 302 -1.00 14.51 -8.44
C GLY A 302 -2.34 14.74 -7.75
N LYS A 303 -2.75 16.00 -7.60
CA LYS A 303 -4.06 16.28 -7.00
C LYS A 303 -5.19 15.75 -7.88
N VAL A 304 -5.08 15.98 -9.19
CA VAL A 304 -6.12 15.54 -10.12
C VAL A 304 -6.08 14.05 -10.37
N ALA A 305 -5.02 13.36 -9.94
CA ALA A 305 -4.95 11.91 -10.07
C ALA A 305 -5.79 11.20 -9.03
N THR A 306 -6.19 11.89 -7.96
CA THR A 306 -7.00 11.26 -6.92
C THR A 306 -8.46 11.70 -7.04
N VAL A 315 -0.35 2.00 -6.57
CA VAL A 315 0.43 2.90 -5.73
C VAL A 315 -0.29 4.23 -5.57
N LYS A 316 -0.63 4.58 -4.34
CA LYS A 316 -1.37 5.80 -4.03
C LYS A 316 -0.60 6.61 -3.00
N ILE A 317 -0.06 7.73 -3.43
CA ILE A 317 0.57 8.69 -2.53
C ILE A 317 -0.49 9.69 -2.07
N SER A 318 -0.42 10.08 -0.80
CA SER A 318 -1.33 11.10 -0.29
C SER A 318 -0.75 12.48 -0.61
N MET A 319 -1.49 13.26 -1.39
CA MET A 319 -1.05 14.60 -1.78
C MET A 319 -1.18 15.61 -0.65
N ASP A 320 -1.69 15.21 0.52
CA ASP A 320 -1.96 16.14 1.60
C ASP A 320 -0.71 16.93 2.00
N VAL A 321 0.42 16.23 2.15
CA VAL A 321 1.63 16.89 2.64
C VAL A 321 2.15 17.90 1.62
N PHE A 322 1.95 17.65 0.32
CA PHE A 322 2.39 18.60 -0.69
C PHE A 322 1.54 19.85 -0.68
N VAL A 323 0.24 19.71 -0.47
CA VAL A 323 -0.64 20.87 -0.46
C VAL A 323 -0.53 21.62 0.86
N ARG A 324 -0.41 20.89 1.98
CA ARG A 324 -0.37 21.55 3.28
C ARG A 324 0.88 22.41 3.43
N ILE A 325 1.95 22.10 2.70
CA ILE A 325 3.24 22.78 2.84
C ILE A 325 3.50 23.74 1.70
N LEU A 326 3.24 23.32 0.45
CA LEU A 326 3.57 24.13 -0.71
C LEU A 326 2.37 24.84 -1.32
N GLN A 327 1.14 24.42 -1.00
CA GLN A 327 -0.06 25.13 -1.45
C GLN A 327 -0.99 25.41 -0.27
N PRO A 328 -0.48 26.04 0.80
CA PRO A 328 -1.27 26.10 2.04
C PRO A 328 -2.52 26.97 1.92
N GLU A 329 -2.52 27.94 1.00
CA GLU A 329 -3.73 28.74 0.80
C GLU A 329 -4.86 27.92 0.19
N ARG A 330 -4.56 26.81 -0.47
CA ARG A 330 -5.58 25.97 -1.10
C ARG A 330 -5.88 24.72 -0.30
N TYR A 331 -5.26 24.55 0.86
CA TYR A 331 -5.35 23.27 1.59
C TYR A 331 -6.78 22.98 2.03
N GLU A 332 -7.37 23.87 2.83
CA GLU A 332 -8.71 23.63 3.34
C GLU A 332 -9.74 23.53 2.22
N LEU A 333 -9.55 24.27 1.13
CA LEU A 333 -10.45 24.14 -0.01
C LEU A 333 -10.25 22.84 -0.75
N TRP A 334 -9.08 22.21 -0.63
CA TRP A 334 -8.85 20.92 -1.27
C TRP A 334 -9.42 19.79 -0.43
N LYS A 335 -9.32 19.90 0.90
CA LYS A 335 -9.94 18.90 1.77
C LYS A 335 -11.45 18.91 1.62
N GLN A 336 -12.04 20.10 1.44
CA GLN A 336 -13.47 20.23 1.21
C GLN A 336 -13.87 19.87 -0.21
N GLY A 337 -12.91 19.51 -1.06
CA GLY A 337 -13.22 19.14 -2.43
C GLY A 337 -13.71 20.28 -3.29
N LYS A 338 -13.33 21.51 -2.98
CA LYS A 338 -13.76 22.69 -3.73
C LYS A 338 -12.65 23.27 -4.60
N ASP A 339 -11.51 22.60 -4.68
CA ASP A 339 -10.40 23.03 -5.55
C ASP A 339 -10.51 22.26 -6.85
N LEU A 340 -11.27 22.82 -7.79
CA LEU A 340 -11.48 22.23 -9.12
C LEU A 340 -10.77 23.11 -10.14
N THR A 341 -9.59 22.66 -10.58
CA THR A 341 -8.81 23.38 -11.58
C THR A 341 -8.60 22.49 -12.79
N VAL A 342 -8.32 23.13 -13.93
CA VAL A 342 -7.99 22.44 -15.17
C VAL A 342 -6.49 22.60 -15.41
N LEU A 343 -5.83 21.48 -15.71
CA LEU A 343 -4.39 21.50 -15.93
C LEU A 343 -4.05 22.21 -17.23
N ASP A 344 -3.07 23.11 -17.16
CA ASP A 344 -2.47 23.71 -18.35
C ASP A 344 -1.17 22.99 -18.62
N HIS A 345 -1.19 22.08 -19.61
CA HIS A 345 -0.03 21.24 -19.87
C HIS A 345 1.13 21.99 -20.52
N THR A 346 0.95 23.26 -20.89
CA THR A 346 1.99 24.03 -21.54
C THR A 346 2.82 24.87 -20.57
N ARG A 347 2.32 25.12 -19.37
CA ARG A 347 3.02 25.97 -18.42
C ARG A 347 4.31 25.29 -17.96
N PRO A 348 5.46 25.94 -18.06
CA PRO A 348 6.69 25.36 -17.51
C PRO A 348 6.66 25.43 -15.98
N THR A 349 7.50 24.60 -15.37
CA THR A 349 7.56 24.52 -13.92
C THR A 349 8.44 25.63 -13.36
N ALA A 350 8.15 26.03 -12.13
CA ALA A 350 9.03 26.91 -11.39
C ALA A 350 10.13 26.11 -10.73
N LEU A 351 11.24 26.78 -10.44
CA LEU A 351 12.36 26.12 -9.79
C LEU A 351 12.26 26.19 -8.27
N THR A 352 11.68 27.26 -7.74
CA THR A 352 11.62 27.45 -6.29
C THR A 352 10.42 28.31 -5.94
N SER A 353 10.01 28.18 -4.68
CA SER A 353 8.92 28.96 -4.11
C SER A 353 9.32 29.32 -2.68
N PRO A 354 8.74 30.38 -2.11
CA PRO A 354 9.05 30.71 -0.71
C PRO A 354 8.70 29.59 0.25
N GLU A 355 7.64 28.82 -0.03
CA GLU A 355 7.27 27.72 0.85
C GLU A 355 8.28 26.59 0.80
N LEU A 356 8.91 26.36 -0.36
CA LEU A 356 9.91 25.31 -0.47
C LEU A 356 11.23 25.71 0.19
N SER A 357 11.59 26.98 0.11
CA SER A 357 12.83 27.43 0.75
C SER A 357 12.73 27.35 2.26
N SER A 358 11.61 27.80 2.82
CA SER A 358 11.42 27.72 4.27
C SER A 358 11.25 26.29 4.75
N TRP A 359 10.89 25.36 3.85
CA TRP A 359 10.79 23.96 4.23
C TRP A 359 12.17 23.30 4.29
N SER A 360 13.06 23.64 3.36
CA SER A 360 14.43 23.14 3.42
C SER A 360 15.18 23.70 4.61
N ALA A 361 14.84 24.93 5.04
CA ALA A 361 15.45 25.48 6.24
C ALA A 361 14.93 24.80 7.50
N SER A 362 13.72 24.26 7.46
CA SER A 362 13.18 23.48 8.57
C SER A 362 13.75 22.07 8.63
N ARG A 363 14.45 21.63 7.59
CA ARG A 363 15.04 20.30 7.55
C ARG A 363 16.52 20.38 7.17
N GLY B 8 5.05 -2.54 40.44
CA GLY B 8 5.80 -3.65 39.89
C GLY B 8 4.97 -4.52 38.97
N ALA B 9 4.16 -5.38 39.58
CA ALA B 9 3.26 -6.27 38.84
C ALA B 9 1.83 -6.05 39.32
N GLN B 10 0.93 -5.73 38.39
CA GLN B 10 -0.47 -5.51 38.70
C GLN B 10 -1.35 -6.71 38.36
N ASN B 11 -1.09 -7.38 37.24
CA ASN B 11 -1.80 -8.60 36.86
C ASN B 11 -0.74 -9.69 36.73
N PRO B 12 -0.33 -10.29 37.84
CA PRO B 12 0.74 -11.31 37.79
C PRO B 12 0.32 -12.58 37.07
N SER B 13 -0.98 -12.88 37.00
CA SER B 13 -1.48 -14.09 36.36
C SER B 13 -1.93 -13.84 34.92
N CYS B 14 -1.93 -12.59 34.46
CA CYS B 14 -2.28 -12.25 33.08
C CYS B 14 -3.69 -12.72 32.73
N LYS B 15 -4.63 -12.49 33.65
CA LYS B 15 -6.01 -12.92 33.44
C LYS B 15 -6.81 -11.80 32.80
N ILE B 16 -7.78 -12.19 31.98
CA ILE B 16 -8.62 -11.22 31.26
C ILE B 16 -9.54 -10.53 32.26
N MET B 17 -9.36 -9.22 32.40
CA MET B 17 -10.16 -8.43 33.32
C MET B 17 -11.39 -7.88 32.61
N THR B 18 -12.47 -7.69 33.37
CA THR B 18 -13.71 -7.12 32.88
C THR B 18 -14.05 -5.88 33.72
N PHE B 19 -14.24 -4.75 33.04
CA PHE B 19 -14.45 -3.47 33.70
C PHE B 19 -15.87 -2.98 33.46
N ARG B 20 -16.49 -2.46 34.53
CA ARG B 20 -17.84 -1.90 34.48
C ARG B 20 -17.77 -0.45 34.97
N PRO B 21 -17.30 0.47 34.12
CA PRO B 21 -17.17 1.86 34.55
C PRO B 21 -18.52 2.57 34.62
N THR B 22 -18.55 3.62 35.45
CA THR B 22 -19.68 4.53 35.45
C THR B 22 -19.61 5.44 34.23
N MET B 23 -20.67 6.23 34.04
CA MET B 23 -20.70 7.14 32.91
C MET B 23 -19.63 8.22 33.03
N GLU B 24 -19.31 8.64 34.26
CA GLU B 24 -18.27 9.65 34.45
C GLU B 24 -16.89 9.09 34.14
N GLU B 25 -16.66 7.82 34.46
CA GLU B 25 -15.42 7.16 34.06
C GLU B 25 -15.42 6.83 32.57
N PHE B 26 -16.59 6.51 32.02
CA PHE B 26 -16.73 6.14 30.62
C PHE B 26 -16.55 7.33 29.67
N LYS B 27 -16.51 8.56 30.20
CA LYS B 27 -16.50 9.74 29.34
C LYS B 27 -15.23 9.82 28.50
N ASP B 28 -14.07 9.74 29.15
CA ASP B 28 -12.79 9.87 28.46
C ASP B 28 -12.29 8.49 28.06
N PHE B 29 -12.13 8.26 26.75
CA PHE B 29 -11.66 6.97 26.27
C PHE B 29 -10.17 6.81 26.51
N ASN B 30 -9.38 7.83 26.19
CA ASN B 30 -7.93 7.73 26.34
C ASN B 30 -7.51 7.57 27.80
N LYS B 31 -8.25 8.17 28.72
CA LYS B 31 -7.88 8.07 30.13
C LYS B 31 -8.28 6.72 30.71
N TYR B 32 -9.40 6.16 30.28
CA TYR B 32 -9.82 4.87 30.80
C TYR B 32 -8.94 3.73 30.27
N VAL B 33 -8.43 3.86 29.04
CA VAL B 33 -7.48 2.89 28.54
C VAL B 33 -6.21 2.91 29.37
N ALA B 34 -5.71 4.12 29.68
CA ALA B 34 -4.55 4.22 30.55
C ALA B 34 -4.86 3.71 31.95
N TYR B 35 -6.11 3.84 32.39
CA TYR B 35 -6.49 3.34 33.72
C TYR B 35 -6.44 1.82 33.77
N ILE B 36 -7.05 1.14 32.80
CA ILE B 36 -7.07 -0.31 32.81
C ILE B 36 -5.68 -0.89 32.57
N GLU B 37 -4.78 -0.12 31.96
CA GLU B 37 -3.38 -0.53 31.92
C GLU B 37 -2.69 -0.32 33.25
N SER B 38 -3.08 0.71 34.00
CA SER B 38 -2.58 0.87 35.36
C SER B 38 -3.03 -0.26 36.27
N GLN B 39 -4.15 -0.91 35.94
CA GLN B 39 -4.57 -2.12 36.63
C GLN B 39 -3.94 -3.38 36.06
N GLY B 40 -3.29 -3.27 34.89
CA GLY B 40 -2.61 -4.41 34.30
C GLY B 40 -3.44 -5.22 33.32
N ALA B 41 -4.50 -4.65 32.74
CA ALA B 41 -5.31 -5.40 31.79
C ALA B 41 -4.52 -5.75 30.53
N HIS B 42 -3.53 -4.93 30.18
CA HIS B 42 -2.70 -5.19 29.01
C HIS B 42 -1.81 -6.42 29.16
N ARG B 43 -1.65 -6.93 30.38
CA ARG B 43 -0.85 -8.13 30.58
C ARG B 43 -1.46 -9.33 29.86
N ALA B 44 -2.79 -9.42 29.85
CA ALA B 44 -3.49 -10.53 29.20
C ALA B 44 -3.62 -10.35 27.69
N GLY B 45 -3.35 -9.16 27.18
CA GLY B 45 -3.54 -8.87 25.77
C GLY B 45 -4.97 -8.64 25.36
N LEU B 46 -5.93 -8.75 26.28
CA LEU B 46 -7.34 -8.60 25.97
C LEU B 46 -8.05 -8.12 27.22
N ALA B 47 -9.18 -7.43 27.02
CA ALA B 47 -9.96 -6.92 28.13
C ALA B 47 -11.38 -6.64 27.66
N LYS B 48 -12.31 -6.72 28.61
CA LYS B 48 -13.70 -6.39 28.36
C LYS B 48 -14.09 -5.15 29.15
N ILE B 49 -14.86 -4.27 28.51
CA ILE B 49 -15.38 -3.07 29.15
C ILE B 49 -16.88 -3.04 28.91
N ILE B 50 -17.66 -3.31 29.96
CA ILE B 50 -19.12 -3.21 29.88
C ILE B 50 -19.52 -1.76 30.08
N PRO B 51 -20.06 -1.10 29.07
CA PRO B 51 -20.46 0.31 29.21
C PRO B 51 -21.67 0.45 30.10
N PRO B 52 -21.85 1.59 30.75
CA PRO B 52 -23.04 1.79 31.58
C PRO B 52 -24.32 1.69 30.76
N LYS B 53 -25.41 1.34 31.45
CA LYS B 53 -26.69 1.12 30.78
C LYS B 53 -27.28 2.41 30.21
N GLU B 54 -26.82 3.58 30.68
CA GLU B 54 -27.28 4.82 30.09
C GLU B 54 -26.76 5.02 28.67
N TRP B 55 -25.74 4.27 28.27
CA TRP B 55 -25.08 4.47 26.99
C TRP B 55 -25.71 3.58 25.92
N LYS B 56 -26.05 4.17 24.78
CA LYS B 56 -26.56 3.46 23.61
C LYS B 56 -25.93 4.05 22.36
N PRO B 57 -25.16 3.26 21.60
CA PRO B 57 -24.56 3.81 20.36
C PRO B 57 -25.59 4.04 19.28
N ARG B 58 -26.70 3.31 19.30
CA ARG B 58 -27.75 3.44 18.29
C ARG B 58 -29.10 3.23 18.97
N GLN B 59 -30.11 3.94 18.47
CA GLN B 59 -31.44 3.84 19.06
C GLN B 59 -32.15 2.57 18.65
N THR B 60 -32.21 2.28 17.35
CA THR B 60 -32.80 1.06 16.85
C THR B 60 -31.92 0.47 15.76
N TYR B 61 -31.95 -0.86 15.64
CA TYR B 61 -31.29 -1.58 14.57
C TYR B 61 -32.28 -2.17 13.56
N ASP B 62 -33.51 -1.66 13.56
CA ASP B 62 -34.57 -2.20 12.72
C ASP B 62 -34.65 -1.56 11.35
N ASP B 63 -33.65 -0.75 10.98
CA ASP B 63 -33.66 -0.03 9.70
C ASP B 63 -32.42 -0.31 8.88
N ILE B 64 -31.81 -1.49 9.07
CA ILE B 64 -30.55 -1.83 8.42
C ILE B 64 -30.66 -3.07 7.55
N ASP B 65 -31.89 -3.55 7.29
CA ASP B 65 -32.06 -4.75 6.48
C ASP B 65 -31.65 -4.55 5.02
N ASP B 66 -31.62 -3.31 4.54
CA ASP B 66 -31.24 -3.01 3.17
C ASP B 66 -29.77 -2.60 3.03
N VAL B 67 -29.01 -2.63 4.12
CA VAL B 67 -27.59 -2.33 4.05
C VAL B 67 -26.89 -3.45 3.27
N VAL B 68 -26.03 -3.05 2.34
CA VAL B 68 -25.39 -4.00 1.42
C VAL B 68 -24.06 -4.45 2.01
N ILE B 69 -23.82 -5.76 1.96
CA ILE B 69 -22.51 -6.33 2.29
C ILE B 69 -21.77 -6.53 0.97
N PRO B 70 -20.72 -5.73 0.70
CA PRO B 70 -20.12 -5.75 -0.64
C PRO B 70 -19.42 -7.06 -1.00
N ALA B 71 -18.57 -7.56 -0.10
CA ALA B 71 -17.74 -8.74 -0.37
C ALA B 71 -17.83 -9.70 0.81
N PRO B 72 -18.90 -10.49 0.89
CA PRO B 72 -18.94 -11.56 1.89
C PRO B 72 -17.96 -12.65 1.52
N ILE B 73 -17.38 -13.28 2.54
CA ILE B 73 -16.38 -14.32 2.35
C ILE B 73 -16.94 -15.64 2.90
N GLN B 74 -16.78 -16.70 2.10
CA GLN B 74 -17.10 -18.06 2.53
C GLN B 74 -15.84 -18.66 3.14
N GLN B 75 -15.92 -19.09 4.39
CA GLN B 75 -14.75 -19.51 5.15
C GLN B 75 -14.61 -21.03 5.02
N VAL B 76 -13.70 -21.45 4.14
CA VAL B 76 -13.45 -22.85 3.86
C VAL B 76 -12.21 -23.29 4.62
N VAL B 77 -12.34 -24.33 5.43
CA VAL B 77 -11.31 -24.75 6.38
C VAL B 77 -10.79 -26.12 5.99
N THR B 78 -9.47 -26.28 5.99
CA THR B 78 -8.81 -27.56 5.79
C THR B 78 -7.84 -27.79 6.94
N GLY B 79 -7.49 -29.07 7.16
CA GLY B 79 -6.57 -29.45 8.19
C GLY B 79 -7.15 -30.55 9.04
N GLN B 80 -6.50 -30.81 10.18
CA GLN B 80 -6.89 -31.91 11.05
C GLN B 80 -6.22 -31.76 12.41
N SER B 81 -6.90 -32.23 13.44
CA SER B 81 -6.33 -32.43 14.78
C SER B 81 -5.85 -31.11 15.39
N GLY B 82 -6.71 -30.10 15.34
CA GLY B 82 -6.44 -28.84 16.00
C GLY B 82 -5.64 -27.85 15.19
N LEU B 83 -5.05 -28.26 14.07
CA LEU B 83 -4.30 -27.37 13.19
C LEU B 83 -5.07 -27.22 11.88
N PHE B 84 -5.53 -26.02 11.59
CA PHE B 84 -6.38 -25.77 10.45
C PHE B 84 -5.93 -24.53 9.70
N THR B 85 -6.18 -24.53 8.39
CA THR B 85 -5.88 -23.40 7.52
C THR B 85 -7.18 -22.87 6.95
N GLN B 86 -7.40 -21.56 7.09
CA GLN B 86 -8.66 -20.93 6.71
C GLN B 86 -8.46 -20.15 5.42
N TYR B 87 -9.21 -20.54 4.38
CA TYR B 87 -9.26 -19.80 3.13
C TYR B 87 -10.55 -19.00 3.08
N ASN B 88 -10.48 -17.79 2.52
CA ASN B 88 -11.60 -16.86 2.50
C ASN B 88 -11.97 -16.59 1.05
N ILE B 89 -13.06 -17.21 0.59
CA ILE B 89 -13.50 -17.12 -0.78
C ILE B 89 -14.58 -16.05 -0.86
N GLN B 90 -14.27 -14.95 -1.56
CA GLN B 90 -15.23 -13.86 -1.72
C GLN B 90 -16.44 -14.33 -2.52
N LYS B 91 -17.62 -13.88 -2.10
CA LYS B 91 -18.88 -14.29 -2.72
C LYS B 91 -19.62 -13.06 -3.23
N LYS B 92 -20.81 -13.30 -3.79
CA LYS B 92 -21.63 -12.23 -4.31
C LYS B 92 -22.09 -11.30 -3.18
N ALA B 93 -22.22 -10.01 -3.51
CA ALA B 93 -22.73 -9.06 -2.54
C ALA B 93 -24.17 -9.39 -2.17
N MET B 94 -24.53 -9.09 -0.93
CA MET B 94 -25.87 -9.37 -0.44
C MET B 94 -26.22 -8.36 0.66
N THR B 95 -27.48 -8.35 1.04
CA THR B 95 -28.00 -7.42 2.03
C THR B 95 -28.04 -8.08 3.41
N VAL B 96 -28.17 -7.23 4.44
CA VAL B 96 -28.26 -7.73 5.81
C VAL B 96 -29.52 -8.58 5.98
N GLY B 97 -30.62 -8.16 5.36
CA GLY B 97 -31.82 -8.98 5.41
C GLY B 97 -31.61 -10.35 4.79
N GLU B 98 -30.93 -10.40 3.64
CA GLU B 98 -30.57 -11.68 3.04
C GLU B 98 -29.59 -12.43 3.93
N TYR B 99 -28.61 -11.74 4.50
CA TYR B 99 -27.60 -12.40 5.32
C TYR B 99 -28.20 -12.98 6.59
N ARG B 100 -29.20 -12.32 7.18
CA ARG B 100 -29.83 -12.85 8.38
C ARG B 100 -30.62 -14.11 8.07
N ARG B 101 -31.32 -14.14 6.93
CA ARG B 101 -32.09 -15.33 6.57
C ARG B 101 -31.17 -16.51 6.25
N LEU B 102 -29.96 -16.24 5.75
CA LEU B 102 -29.00 -17.30 5.48
C LEU B 102 -28.35 -17.81 6.75
N ALA B 103 -28.11 -16.93 7.73
CA ALA B 103 -27.50 -17.32 9.00
C ALA B 103 -28.45 -18.10 9.89
N ASN B 104 -29.75 -18.08 9.61
CA ASN B 104 -30.74 -18.79 10.39
C ASN B 104 -31.38 -19.96 9.64
N SER B 105 -31.01 -20.17 8.38
CA SER B 105 -31.39 -21.38 7.69
C SER B 105 -30.72 -22.59 8.35
N GLU B 106 -31.35 -23.76 8.17
CA GLU B 106 -30.90 -24.94 8.90
C GLU B 106 -29.52 -25.42 8.49
N LYS B 107 -29.00 -24.96 7.34
CA LYS B 107 -27.65 -25.35 6.97
C LYS B 107 -26.61 -24.60 7.79
N TYR B 108 -26.91 -23.37 8.21
CA TYR B 108 -25.93 -22.51 8.87
C TYR B 108 -26.32 -22.06 10.27
N CYS B 109 -27.54 -22.34 10.73
CA CYS B 109 -27.98 -21.84 12.02
C CYS B 109 -27.16 -22.47 13.15
N THR B 110 -27.25 -21.86 14.33
CA THR B 110 -26.48 -22.31 15.47
C THR B 110 -27.01 -23.65 15.97
N PRO B 111 -26.13 -24.62 16.23
CA PRO B 111 -26.58 -25.88 16.82
C PRO B 111 -27.05 -25.69 18.25
N ARG B 112 -27.98 -26.55 18.67
CA ARG B 112 -28.41 -26.56 20.07
C ARG B 112 -27.27 -27.05 20.95
N HIS B 113 -27.13 -26.44 22.12
CA HIS B 113 -26.01 -26.74 23.00
C HIS B 113 -26.39 -26.46 24.44
N GLN B 114 -25.79 -27.23 25.36
CA GLN B 114 -26.12 -27.09 26.78
C GLN B 114 -25.55 -25.80 27.35
N ASP B 115 -24.31 -25.45 26.98
CA ASP B 115 -23.64 -24.27 27.50
C ASP B 115 -22.59 -23.84 26.48
N PHE B 116 -21.68 -22.96 26.91
CA PHE B 116 -20.62 -22.49 26.03
C PHE B 116 -19.61 -23.60 25.75
N ASP B 117 -19.31 -24.43 26.76
CA ASP B 117 -18.33 -25.49 26.58
C ASP B 117 -18.79 -26.56 25.61
N ASP B 118 -20.10 -26.82 25.56
CA ASP B 118 -20.61 -27.73 24.54
C ASP B 118 -20.50 -27.14 23.16
N LEU B 119 -20.75 -25.83 23.04
CA LEU B 119 -20.61 -25.15 21.75
C LEU B 119 -19.14 -25.03 21.33
N GLU B 120 -18.23 -24.90 22.31
CA GLU B 120 -16.82 -24.86 22.00
C GLU B 120 -16.34 -26.18 21.41
N ARG B 121 -16.79 -27.31 21.99
CA ARG B 121 -16.40 -28.61 21.46
C ARG B 121 -17.02 -28.86 20.09
N LYS B 122 -18.29 -28.47 19.90
CA LYS B 122 -18.95 -28.68 18.63
C LYS B 122 -18.40 -27.76 17.54
N TYR B 123 -17.80 -26.64 17.91
CA TYR B 123 -17.20 -25.75 16.93
C TYR B 123 -15.92 -26.35 16.35
N TRP B 124 -15.10 -26.99 17.18
CA TRP B 124 -13.83 -27.53 16.73
C TRP B 124 -13.97 -28.88 16.01
N LYS B 125 -15.09 -29.58 16.21
CA LYS B 125 -15.31 -30.85 15.54
C LYS B 125 -16.00 -30.70 14.18
N ASN B 126 -16.70 -29.58 13.96
CA ASN B 126 -17.38 -29.32 12.70
C ASN B 126 -16.72 -28.19 11.91
N LEU B 127 -15.46 -27.87 12.23
CA LEU B 127 -14.81 -26.73 11.61
C LEU B 127 -14.62 -26.91 10.11
N THR B 128 -14.49 -28.15 9.65
CA THR B 128 -14.20 -28.44 8.24
C THR B 128 -15.41 -28.97 7.49
N PHE B 129 -16.58 -29.04 8.12
CA PHE B 129 -17.76 -29.65 7.48
C PHE B 129 -18.52 -28.63 6.63
N VAL B 130 -19.12 -27.63 7.27
CA VAL B 130 -19.86 -26.58 6.58
C VAL B 130 -19.01 -25.32 6.57
N SER B 131 -19.04 -24.60 5.43
CA SER B 131 -18.26 -23.37 5.29
C SER B 131 -19.20 -22.18 5.42
N PRO B 132 -19.12 -21.40 6.50
CA PRO B 132 -20.06 -20.30 6.70
C PRO B 132 -19.64 -19.03 5.98
N ILE B 133 -20.64 -18.18 5.74
CA ILE B 133 -20.43 -16.89 5.10
C ILE B 133 -20.21 -15.84 6.18
N TYR B 134 -19.18 -15.01 6.00
CA TYR B 134 -18.87 -13.94 6.94
C TYR B 134 -18.99 -12.60 6.23
N GLY B 135 -19.97 -11.80 6.66
CA GLY B 135 -20.09 -10.44 6.17
C GLY B 135 -19.12 -9.52 6.87
N ALA B 136 -17.84 -9.62 6.52
CA ALA B 136 -16.76 -8.98 7.25
C ALA B 136 -16.11 -7.88 6.40
N ASP B 137 -15.30 -7.08 7.09
CA ASP B 137 -14.54 -5.99 6.47
C ASP B 137 -15.44 -5.07 5.65
N ILE B 138 -16.50 -4.58 6.29
CA ILE B 138 -17.42 -3.64 5.68
C ILE B 138 -17.08 -2.25 6.20
N SER B 139 -16.59 -1.38 5.32
CA SER B 139 -16.24 -0.02 5.72
C SER B 139 -17.52 0.74 6.05
N GLY B 140 -17.76 0.99 7.33
CA GLY B 140 -18.95 1.70 7.74
C GLY B 140 -19.06 1.71 9.25
N SER B 141 -20.08 2.42 9.72
CA SER B 141 -20.33 2.57 11.15
C SER B 141 -21.83 2.54 11.40
N LEU B 142 -22.22 1.91 12.51
CA LEU B 142 -23.62 1.87 12.93
C LEU B 142 -23.93 2.83 14.06
N TYR B 143 -22.93 3.57 14.54
CA TYR B 143 -23.15 4.60 15.54
C TYR B 143 -24.01 5.73 14.98
N ASP B 144 -24.65 6.47 15.88
CA ASP B 144 -25.34 7.68 15.49
C ASP B 144 -24.35 8.83 15.36
N ASP B 145 -24.85 9.98 14.88
CA ASP B 145 -23.99 11.14 14.67
C ASP B 145 -23.48 11.70 15.99
N ASP B 146 -24.39 11.90 16.94
CA ASP B 146 -24.13 12.68 18.14
C ASP B 146 -23.55 11.86 19.30
N VAL B 147 -23.10 10.63 19.04
CA VAL B 147 -22.50 9.83 20.10
C VAL B 147 -21.12 10.39 20.40
N ALA B 148 -20.92 10.87 21.62
CA ALA B 148 -19.68 11.54 22.01
C ALA B 148 -18.78 10.68 22.88
N GLN B 149 -19.26 9.56 23.38
CA GLN B 149 -18.49 8.68 24.26
C GLN B 149 -18.21 7.37 23.55
N TRP B 150 -16.91 7.04 23.42
CA TRP B 150 -16.48 5.75 22.85
C TRP B 150 -17.05 5.53 21.46
N ASN B 151 -17.01 6.57 20.63
CA ASN B 151 -17.46 6.45 19.25
C ASN B 151 -16.35 5.84 18.42
N ILE B 152 -16.63 4.69 17.80
CA ILE B 152 -15.63 3.99 17.00
C ILE B 152 -15.15 4.88 15.85
N GLY B 153 -16.05 5.67 15.28
CA GLY B 153 -15.68 6.51 14.16
C GLY B 153 -14.75 7.66 14.54
N SER B 154 -14.81 8.10 15.81
CA SER B 154 -14.02 9.25 16.28
C SER B 154 -13.50 8.95 17.68
N LEU B 155 -12.35 8.26 17.75
CA LEU B 155 -11.73 7.96 19.03
C LEU B 155 -10.68 8.98 19.45
N ARG B 156 -10.23 9.84 18.53
CA ARG B 156 -9.27 10.91 18.83
C ARG B 156 -8.04 10.36 19.55
N THR B 157 -7.54 9.23 19.07
CA THR B 157 -6.28 8.69 19.55
C THR B 157 -5.13 9.22 18.71
N ILE B 158 -3.91 9.00 19.18
CA ILE B 158 -2.73 9.47 18.46
C ILE B 158 -2.56 8.78 17.12
N LEU B 159 -3.37 7.76 16.83
CA LEU B 159 -3.42 7.20 15.49
C LEU B 159 -3.97 8.19 14.48
N ASP B 160 -4.63 9.26 14.95
CA ASP B 160 -5.09 10.31 14.06
C ASP B 160 -3.96 11.16 13.51
N MET B 161 -2.73 10.98 14.01
CA MET B 161 -1.58 11.65 13.41
C MET B 161 -1.29 11.14 12.01
N VAL B 162 -1.72 9.91 11.69
CA VAL B 162 -1.57 9.39 10.34
C VAL B 162 -2.43 10.18 9.37
N GLU B 163 -3.68 10.43 9.74
CA GLU B 163 -4.61 11.17 8.90
C GLU B 163 -4.34 12.67 8.90
N ARG B 164 -3.98 13.24 10.06
CA ARG B 164 -3.82 14.69 10.15
C ARG B 164 -2.55 15.17 9.47
N GLU B 165 -1.44 14.44 9.62
CA GLU B 165 -0.17 14.88 9.07
C GLU B 165 0.03 14.41 7.64
N CYS B 166 -0.27 13.14 7.35
CA CYS B 166 -0.02 12.60 6.02
C CYS B 166 -1.28 12.45 5.18
N GLY B 167 -2.46 12.54 5.78
CA GLY B 167 -3.71 12.40 5.05
C GLY B 167 -4.03 10.99 4.59
N THR B 168 -3.32 9.98 5.08
CA THR B 168 -3.48 8.62 4.60
C THR B 168 -4.73 7.98 5.22
N ILE B 169 -5.52 7.33 4.38
CA ILE B 169 -6.68 6.56 4.82
C ILE B 169 -6.35 5.09 4.68
N ILE B 170 -6.53 4.33 5.77
CA ILE B 170 -6.30 2.89 5.79
C ILE B 170 -7.56 2.27 6.37
N GLU B 171 -8.45 1.80 5.50
CA GLU B 171 -9.75 1.30 5.94
C GLU B 171 -9.60 0.13 6.91
N GLY B 172 -10.44 0.13 7.95
CA GLY B 172 -10.33 -0.81 9.03
C GLY B 172 -9.38 -0.40 10.13
N VAL B 173 -8.40 0.46 9.82
CA VAL B 173 -7.44 0.96 10.79
C VAL B 173 -7.75 2.41 11.17
N ASN B 174 -7.70 3.33 10.19
CA ASN B 174 -8.18 4.69 10.39
C ASN B 174 -9.70 4.78 10.33
N THR B 175 -10.37 3.70 9.95
CA THR B 175 -11.80 3.66 9.63
C THR B 175 -12.47 2.53 10.37
N PRO B 176 -13.72 2.72 10.80
CA PRO B 176 -14.47 1.59 11.38
C PRO B 176 -14.84 0.55 10.33
N TYR B 177 -14.72 -0.72 10.73
CA TYR B 177 -15.19 -1.84 9.94
C TYR B 177 -16.43 -2.44 10.59
N LEU B 178 -17.27 -3.06 9.77
CA LEU B 178 -18.44 -3.77 10.26
C LEU B 178 -18.28 -5.27 10.00
N TYR B 179 -18.74 -6.08 10.95
CA TYR B 179 -18.61 -7.54 10.89
C TYR B 179 -19.98 -8.17 11.15
N PHE B 180 -20.69 -8.55 10.08
CA PHE B 180 -21.92 -9.31 10.19
C PHE B 180 -21.56 -10.79 10.18
N GLY B 181 -21.77 -11.47 11.32
CA GLY B 181 -21.36 -12.84 11.50
C GLY B 181 -22.51 -13.82 11.50
N MET B 182 -22.14 -15.09 11.37
CA MET B 182 -23.05 -16.20 11.59
C MET B 182 -22.31 -17.27 12.38
N TRP B 183 -22.97 -18.39 12.62
CA TRP B 183 -22.36 -19.47 13.38
C TRP B 183 -21.13 -20.01 12.65
N LYS B 184 -20.04 -20.20 13.40
CA LYS B 184 -18.77 -20.77 13.00
C LYS B 184 -17.91 -19.79 12.21
N THR B 185 -18.37 -18.57 11.92
CA THR B 185 -17.50 -17.58 11.31
C THR B 185 -16.35 -17.25 12.26
N THR B 186 -15.13 -17.27 11.74
CA THR B 186 -13.93 -17.33 12.54
C THR B 186 -12.91 -16.28 12.10
N PHE B 187 -12.21 -15.69 13.07
CA PHE B 187 -11.00 -14.92 12.80
C PHE B 187 -9.81 -15.65 13.40
N ALA B 188 -8.78 -15.88 12.59
CA ALA B 188 -7.66 -16.72 12.98
C ALA B 188 -6.73 -15.97 13.94
N TRP B 189 -5.65 -16.64 14.33
CA TRP B 189 -4.67 -16.02 15.20
C TRP B 189 -3.93 -14.91 14.46
N HIS B 190 -3.87 -13.74 15.07
CA HIS B 190 -3.27 -12.58 14.44
C HIS B 190 -3.04 -11.51 15.50
N THR B 191 -2.09 -10.63 15.20
CA THR B 191 -1.98 -9.34 15.86
C THR B 191 -2.43 -8.26 14.89
N GLU B 192 -2.81 -7.11 15.43
CA GLU B 192 -3.30 -6.02 14.59
C GLU B 192 -2.18 -5.50 13.71
N ASP B 193 -2.58 -4.82 12.63
CA ASP B 193 -1.62 -4.23 11.71
C ASP B 193 -0.73 -3.24 12.46
N MET B 194 0.58 -3.41 12.33
CA MET B 194 1.58 -2.62 13.03
C MET B 194 1.50 -2.77 14.55
N ASP B 195 0.91 -3.87 15.02
CA ASP B 195 0.80 -4.17 16.44
C ASP B 195 0.04 -3.07 17.19
N LEU B 196 -0.98 -2.51 16.55
CA LEU B 196 -1.80 -1.51 17.19
C LEU B 196 -2.75 -2.14 18.20
N TYR B 197 -3.45 -1.29 18.94
CA TYR B 197 -4.62 -1.73 19.69
C TYR B 197 -5.78 -1.97 18.73
N SER B 198 -6.86 -2.54 19.27
CA SER B 198 -8.10 -2.63 18.52
C SER B 198 -9.25 -2.59 19.51
N ILE B 199 -10.39 -2.06 19.04
CA ILE B 199 -11.58 -1.89 19.86
C ILE B 199 -12.75 -2.52 19.14
N ASN B 200 -13.45 -3.43 19.82
CA ASN B 200 -14.50 -4.24 19.20
C ASN B 200 -15.77 -4.11 20.02
N TYR B 201 -16.83 -3.62 19.39
CA TYR B 201 -18.14 -3.47 20.03
C TYR B 201 -19.13 -4.38 19.33
N LEU B 202 -19.74 -5.29 20.10
CA LEU B 202 -20.74 -6.22 19.58
C LEU B 202 -22.10 -5.51 19.61
N HIS B 203 -22.55 -5.07 18.44
CA HIS B 203 -23.77 -4.27 18.36
C HIS B 203 -24.99 -5.05 18.84
N PHE B 204 -25.25 -6.20 18.22
CA PHE B 204 -26.43 -7.00 18.57
C PHE B 204 -26.17 -8.45 18.19
N GLY B 205 -27.09 -9.32 18.59
CA GLY B 205 -27.08 -10.70 18.16
C GLY B 205 -26.38 -11.64 19.12
N GLU B 206 -25.94 -12.76 18.55
CA GLU B 206 -25.37 -13.85 19.32
C GLU B 206 -23.94 -13.53 19.76
N PRO B 207 -23.45 -14.19 20.81
CA PRO B 207 -22.15 -13.83 21.38
C PRO B 207 -21.00 -14.05 20.41
N LYS B 208 -19.82 -13.62 20.85
CA LYS B 208 -18.56 -13.79 20.13
C LYS B 208 -17.50 -14.19 21.15
N SER B 209 -16.96 -15.40 21.01
CA SER B 209 -15.99 -15.93 21.96
C SER B 209 -14.57 -15.64 21.48
N TRP B 210 -13.70 -15.28 22.41
CA TRP B 210 -12.35 -14.84 22.12
C TRP B 210 -11.33 -15.76 22.80
N TYR B 211 -10.24 -16.04 22.09
CA TYR B 211 -9.05 -16.64 22.67
C TYR B 211 -7.92 -15.62 22.59
N ALA B 212 -7.17 -15.47 23.68
CA ALA B 212 -6.14 -14.45 23.75
C ALA B 212 -4.91 -14.99 24.46
N ILE B 213 -3.74 -14.74 23.89
CA ILE B 213 -2.45 -15.13 24.45
C ILE B 213 -1.77 -13.87 24.98
N PRO B 214 -1.24 -13.88 26.20
CA PRO B 214 -0.56 -12.69 26.71
C PRO B 214 0.62 -12.34 25.85
N PRO B 215 0.92 -11.04 25.69
CA PRO B 215 2.08 -10.64 24.88
C PRO B 215 3.40 -11.09 25.44
N GLU B 216 3.48 -11.38 26.75
CA GLU B 216 4.72 -11.91 27.32
C GLU B 216 5.05 -13.28 26.75
N HIS B 217 4.03 -14.03 26.32
CA HIS B 217 4.20 -15.33 25.70
C HIS B 217 3.82 -15.31 24.22
N GLY B 218 3.78 -14.13 23.60
CA GLY B 218 3.44 -14.06 22.19
C GLY B 218 4.49 -14.69 21.30
N LYS B 219 5.75 -14.67 21.71
CA LYS B 219 6.80 -15.31 20.93
C LYS B 219 6.68 -16.82 20.94
N ARG B 220 6.10 -17.39 22.01
CA ARG B 220 5.89 -18.83 22.07
C ARG B 220 4.97 -19.30 20.94
N LEU B 221 3.95 -18.51 20.62
CA LEU B 221 3.07 -18.88 19.52
C LEU B 221 3.80 -18.84 18.19
N GLU B 222 4.63 -17.81 17.98
CA GLU B 222 5.47 -17.76 16.79
C GLU B 222 6.51 -18.87 16.78
N ARG B 223 6.93 -19.34 17.96
CA ARG B 223 7.85 -20.46 18.06
C ARG B 223 7.17 -21.80 17.80
N LEU B 224 5.89 -21.91 18.16
CA LEU B 224 5.16 -23.14 17.92
C LEU B 224 4.60 -23.16 16.51
N ALA B 225 4.07 -22.02 16.05
CA ALA B 225 3.52 -21.91 14.71
C ALA B 225 4.57 -22.26 13.66
N ILE B 226 5.81 -21.77 13.83
CA ILE B 226 6.89 -22.10 12.92
C ILE B 226 7.19 -23.59 12.88
N GLY B 227 6.80 -24.33 13.93
CA GLY B 227 7.05 -25.76 13.94
C GLY B 227 6.38 -26.52 12.82
N PHE B 228 5.19 -26.08 12.40
CA PHE B 228 4.42 -26.78 11.37
C PHE B 228 4.56 -26.06 10.03
N PHE B 229 4.85 -26.84 8.99
CA PHE B 229 4.90 -26.41 7.60
C PHE B 229 5.63 -25.08 7.41
N PRO B 230 6.93 -25.01 7.72
CA PRO B 230 7.69 -23.77 7.50
C PRO B 230 7.78 -23.41 6.02
N PHE B 239 4.67 -14.61 9.64
CA PHE B 239 3.83 -15.03 8.54
C PHE B 239 2.39 -15.23 9.01
N LEU B 240 2.16 -15.10 10.31
CA LEU B 240 0.82 -15.19 10.87
C LEU B 240 0.00 -13.94 10.63
N ARG B 241 0.58 -12.90 10.01
CA ARG B 241 -0.20 -11.78 9.53
C ARG B 241 -1.04 -12.15 8.32
N HIS B 242 -0.81 -13.33 7.73
CA HIS B 242 -1.70 -13.84 6.69
C HIS B 242 -3.08 -14.18 7.23
N LYS B 243 -3.22 -14.32 8.55
CA LYS B 243 -4.51 -14.50 9.22
C LYS B 243 -5.25 -15.73 8.70
N MET B 244 -4.54 -16.87 8.67
CA MET B 244 -5.11 -18.09 8.13
C MET B 244 -4.91 -19.32 9.01
N THR B 245 -4.20 -19.20 10.13
CA THR B 245 -3.85 -20.34 10.97
C THR B 245 -4.82 -20.46 12.14
N LEU B 246 -5.43 -21.64 12.28
CA LEU B 246 -6.34 -21.94 13.38
C LEU B 246 -5.69 -23.00 14.26
N ILE B 247 -5.50 -22.67 15.54
CA ILE B 247 -4.87 -23.57 16.50
C ILE B 247 -5.85 -23.81 17.64
N SER B 248 -6.02 -25.06 18.03
CA SER B 248 -7.00 -25.48 19.02
C SER B 248 -6.51 -25.20 20.43
N PRO B 249 -7.43 -24.98 21.39
CA PRO B 249 -7.01 -24.81 22.79
C PRO B 249 -6.29 -26.01 23.37
N ILE B 250 -6.59 -27.22 22.89
CA ILE B 250 -5.87 -28.39 23.40
C ILE B 250 -4.41 -28.35 22.99
N ILE B 251 -4.12 -27.89 21.77
CA ILE B 251 -2.74 -27.80 21.31
C ILE B 251 -1.98 -26.72 22.07
N LEU B 252 -2.66 -25.63 22.43
CA LEU B 252 -2.02 -24.59 23.23
C LEU B 252 -1.69 -25.09 24.63
N LYS B 253 -2.67 -25.72 25.30
CA LYS B 253 -2.44 -26.19 26.66
C LYS B 253 -1.46 -27.36 26.69
N LYS B 254 -1.56 -28.27 25.73
CA LYS B 254 -0.64 -29.40 25.69
C LYS B 254 0.79 -28.97 25.39
N TYR B 255 0.98 -27.82 24.74
CA TYR B 255 2.31 -27.34 24.41
C TYR B 255 2.72 -26.14 25.26
N GLY B 256 2.07 -25.95 26.41
CA GLY B 256 2.55 -24.99 27.40
C GLY B 256 2.48 -23.54 26.99
N ILE B 257 1.51 -23.18 26.14
CA ILE B 257 1.33 -21.80 25.70
C ILE B 257 0.18 -21.20 26.52
N PRO B 258 0.44 -20.27 27.43
CA PRO B 258 -0.63 -19.71 28.26
C PRO B 258 -1.63 -18.94 27.41
N PHE B 259 -2.88 -18.99 27.84
CA PHE B 259 -3.97 -18.27 27.16
C PHE B 259 -5.18 -18.30 28.07
N SER B 260 -6.18 -17.51 27.70
CA SER B 260 -7.47 -17.52 28.37
C SER B 260 -8.56 -17.37 27.31
N ARG B 261 -9.77 -17.72 27.70
CA ARG B 261 -10.93 -17.54 26.84
C ARG B 261 -11.94 -16.65 27.54
N ILE B 262 -12.73 -15.94 26.73
CA ILE B 262 -13.80 -15.10 27.23
C ILE B 262 -14.82 -14.95 26.11
N THR B 263 -16.08 -14.86 26.49
CA THR B 263 -17.17 -14.67 25.54
C THR B 263 -17.68 -13.24 25.65
N GLN B 264 -17.78 -12.57 24.52
CA GLN B 264 -18.27 -11.20 24.44
C GLN B 264 -19.74 -11.23 24.03
N GLU B 265 -20.60 -10.72 24.91
CA GLU B 265 -22.03 -10.67 24.65
C GLU B 265 -22.43 -9.31 24.09
N ALA B 266 -23.65 -9.23 23.60
CA ALA B 266 -24.10 -8.04 22.87
C ALA B 266 -24.07 -6.81 23.75
N GLY B 267 -23.57 -5.72 23.19
CA GLY B 267 -23.43 -4.46 23.92
C GLY B 267 -22.15 -4.32 24.72
N GLU B 268 -21.18 -5.21 24.54
CA GLU B 268 -19.94 -5.19 25.29
C GLU B 268 -18.78 -4.77 24.38
N PHE B 269 -17.74 -4.21 25.00
CA PHE B 269 -16.53 -3.81 24.31
C PHE B 269 -15.40 -4.80 24.59
N MET B 270 -14.65 -5.14 23.55
CA MET B 270 -13.41 -5.88 23.68
C MET B 270 -12.26 -5.01 23.19
N ILE B 271 -11.16 -5.00 23.95
CA ILE B 271 -9.98 -4.23 23.61
C ILE B 271 -8.79 -5.19 23.55
N THR B 272 -8.19 -5.31 22.37
CA THR B 272 -6.93 -6.03 22.22
C THR B 272 -5.77 -5.06 22.39
N PHE B 273 -4.70 -5.57 22.96
CA PHE B 273 -3.52 -4.77 23.26
C PHE B 273 -2.38 -5.11 22.31
N PRO B 274 -1.37 -4.22 22.20
CA PRO B 274 -0.27 -4.49 21.26
C PRO B 274 0.40 -5.83 21.53
N TYR B 275 0.71 -6.54 20.44
CA TYR B 275 1.29 -7.88 20.49
C TYR B 275 0.43 -8.85 21.28
N GLY B 276 -0.88 -8.63 21.27
CA GLY B 276 -1.81 -9.56 21.88
C GLY B 276 -2.48 -10.45 20.83
N TYR B 277 -1.94 -11.63 20.62
CA TYR B 277 -2.50 -12.56 19.66
C TYR B 277 -3.91 -12.96 20.08
N HIS B 278 -4.88 -12.74 19.20
CA HIS B 278 -6.27 -13.05 19.48
C HIS B 278 -6.85 -13.88 18.33
N ALA B 279 -7.91 -14.63 18.67
CA ALA B 279 -8.62 -15.48 17.75
C ALA B 279 -9.96 -15.84 18.37
N GLY B 280 -10.92 -16.18 17.53
CA GLY B 280 -12.24 -16.51 18.04
C GLY B 280 -13.23 -16.78 16.93
N PHE B 281 -14.49 -16.92 17.33
CA PHE B 281 -15.56 -17.29 16.41
C PHE B 281 -16.89 -16.73 16.91
N ASN B 282 -17.86 -16.66 16.01
CA ASN B 282 -19.19 -16.16 16.33
C ASN B 282 -20.14 -17.31 16.65
N HIS B 283 -21.00 -17.10 17.65
CA HIS B 283 -21.97 -18.10 18.07
C HIS B 283 -23.23 -18.10 17.21
N GLY B 284 -23.38 -17.16 16.30
CA GLY B 284 -24.60 -17.02 15.53
C GLY B 284 -24.68 -15.62 14.95
N PHE B 285 -25.84 -15.31 14.39
CA PHE B 285 -26.02 -14.03 13.72
C PHE B 285 -25.80 -12.89 14.69
N ASN B 286 -24.79 -12.06 14.39
CA ASN B 286 -24.49 -10.88 15.19
C ASN B 286 -23.86 -9.82 14.30
N CYS B 287 -23.64 -8.65 14.88
CA CYS B 287 -22.97 -7.56 14.17
C CYS B 287 -21.97 -6.90 15.11
N ALA B 288 -20.76 -6.65 14.61
CA ALA B 288 -19.71 -6.01 15.38
C ALA B 288 -19.12 -4.86 14.57
N GLU B 289 -18.66 -3.85 15.31
CA GLU B 289 -17.97 -2.70 14.73
C GLU B 289 -16.58 -2.61 15.34
N SER B 290 -15.59 -2.32 14.51
CA SER B 290 -14.21 -2.43 14.96
C SER B 290 -13.34 -1.42 14.22
N THR B 291 -12.27 -1.00 14.91
CA THR B 291 -11.22 -0.19 14.31
C THR B 291 -9.99 -0.31 15.20
N ASN B 292 -8.89 0.26 14.73
CA ASN B 292 -7.66 0.29 15.50
C ASN B 292 -7.49 1.66 16.17
N PHE B 293 -6.67 1.67 17.22
CA PHE B 293 -6.27 2.91 17.86
C PHE B 293 -4.88 2.72 18.44
N ALA B 294 -4.36 3.78 19.08
CA ALA B 294 -3.00 3.75 19.58
C ALA B 294 -2.89 4.63 20.81
N THR B 295 -1.99 4.24 21.71
CA THR B 295 -1.58 5.04 22.85
C THR B 295 -0.12 5.43 22.67
N LEU B 296 0.40 6.21 23.64
CA LEU B 296 1.81 6.57 23.59
C LEU B 296 2.70 5.34 23.78
N ARG B 297 2.18 4.29 24.42
CA ARG B 297 2.96 3.08 24.64
C ARG B 297 3.17 2.31 23.34
N TRP B 298 2.28 2.47 22.37
CA TRP B 298 2.35 1.67 21.14
C TRP B 298 3.55 2.04 20.29
N ILE B 299 4.06 3.27 20.42
CA ILE B 299 5.10 3.76 19.52
C ILE B 299 6.34 2.86 19.56
N ASP B 300 6.63 2.27 20.73
CA ASP B 300 7.73 1.32 20.80
C ASP B 300 7.36 -0.01 20.16
N TYR B 301 6.08 -0.39 20.21
CA TYR B 301 5.63 -1.65 19.60
C TYR B 301 5.58 -1.54 18.08
N GLY B 302 5.21 -0.38 17.55
CA GLY B 302 5.19 -0.21 16.11
C GLY B 302 6.57 -0.09 15.50
N LYS B 303 7.54 0.40 16.27
CA LYS B 303 8.91 0.50 15.76
C LYS B 303 9.50 -0.88 15.50
N VAL B 304 9.18 -1.86 16.34
CA VAL B 304 9.69 -3.22 16.16
C VAL B 304 8.85 -4.03 15.19
N ALA B 305 7.78 -3.46 14.65
CA ALA B 305 6.93 -4.18 13.70
C ALA B 305 7.50 -4.12 12.29
N VAL B 315 -0.55 -3.88 4.56
CA VAL B 315 -0.89 -2.68 5.33
C VAL B 315 0.26 -2.31 6.25
N LYS B 316 0.99 -1.24 5.90
CA LYS B 316 2.12 -0.76 6.69
C LYS B 316 2.00 0.74 6.91
N ILE B 317 2.26 1.15 8.14
CA ILE B 317 2.33 2.56 8.52
C ILE B 317 3.79 2.90 8.80
N SER B 318 4.27 3.98 8.20
CA SER B 318 5.62 4.45 8.49
C SER B 318 5.64 5.13 9.85
N MET B 319 6.55 4.69 10.71
CA MET B 319 6.62 5.18 12.08
C MET B 319 7.34 6.52 12.20
N ASP B 320 7.78 7.10 11.09
CA ASP B 320 8.61 8.31 11.16
C ASP B 320 7.83 9.49 11.73
N VAL B 321 6.53 9.56 11.50
CA VAL B 321 5.75 10.71 11.98
C VAL B 321 5.60 10.66 13.49
N PHE B 322 5.57 9.46 14.08
CA PHE B 322 5.47 9.33 15.53
C PHE B 322 6.81 9.56 16.22
N VAL B 323 7.91 9.16 15.57
CA VAL B 323 9.23 9.34 16.16
C VAL B 323 9.68 10.80 16.04
N ARG B 324 9.37 11.45 14.92
CA ARG B 324 9.78 12.83 14.74
C ARG B 324 9.06 13.77 15.70
N ILE B 325 7.81 13.49 16.02
CA ILE B 325 6.97 14.39 16.80
C ILE B 325 6.91 13.98 18.27
N LEU B 326 6.63 12.70 18.54
CA LEU B 326 6.39 12.25 19.90
C LEU B 326 7.62 11.67 20.59
N GLN B 327 8.62 11.20 19.84
CA GLN B 327 9.90 10.76 20.40
C GLN B 327 11.03 11.51 19.73
N PRO B 328 11.03 12.85 19.83
CA PRO B 328 11.90 13.65 18.94
C PRO B 328 13.38 13.53 19.23
N GLU B 329 13.77 13.09 20.43
CA GLU B 329 15.18 12.96 20.76
C GLU B 329 15.82 11.73 20.12
N ARG B 330 15.02 10.82 19.57
CA ARG B 330 15.53 9.60 18.99
C ARG B 330 15.29 9.53 17.47
N TYR B 331 14.86 10.64 16.86
CA TYR B 331 14.44 10.61 15.47
C TYR B 331 15.61 10.32 14.53
N GLU B 332 16.67 11.13 14.61
CA GLU B 332 17.79 10.93 13.70
C GLU B 332 18.52 9.62 13.99
N LEU B 333 18.48 9.15 15.24
CA LEU B 333 19.01 7.82 15.52
C LEU B 333 18.12 6.74 14.93
N TRP B 334 16.81 7.00 14.84
CA TRP B 334 15.89 6.05 14.23
C TRP B 334 16.08 5.99 12.71
N LYS B 335 16.31 7.14 12.08
CA LYS B 335 16.52 7.15 10.64
C LYS B 335 17.80 6.40 10.25
N GLN B 336 18.80 6.42 11.11
CA GLN B 336 20.02 5.66 10.86
C GLN B 336 19.85 4.17 11.06
N GLY B 337 18.73 3.75 11.68
CA GLY B 337 18.49 2.35 11.96
C GLY B 337 19.25 1.80 13.16
N LYS B 338 20.00 2.63 13.86
CA LYS B 338 20.75 2.21 15.04
C LYS B 338 19.98 2.38 16.34
N ASP B 339 18.65 2.52 16.26
CA ASP B 339 17.81 2.73 17.43
C ASP B 339 17.26 1.38 17.88
N LEU B 340 17.85 0.84 18.94
CA LEU B 340 17.41 -0.44 19.49
C LEU B 340 16.26 -0.22 20.47
N THR B 341 15.24 -1.07 20.37
CA THR B 341 14.04 -0.96 21.18
C THR B 341 13.73 -2.32 21.78
N VAL B 342 13.57 -2.36 23.10
CA VAL B 342 13.12 -3.56 23.81
C VAL B 342 11.76 -3.27 24.41
N LEU B 343 10.96 -4.32 24.54
CA LEU B 343 9.57 -4.20 24.96
C LEU B 343 9.38 -4.86 26.32
N ASP B 344 8.93 -4.07 27.30
CA ASP B 344 8.49 -4.59 28.59
C ASP B 344 6.97 -4.54 28.59
N HIS B 345 6.35 -5.70 28.40
CA HIS B 345 4.89 -5.77 28.27
C HIS B 345 4.14 -5.56 29.58
N THR B 346 4.79 -5.12 30.65
CA THR B 346 4.13 -4.84 31.92
C THR B 346 3.98 -3.35 32.20
N ARG B 347 4.68 -2.50 31.46
CA ARG B 347 4.57 -1.06 31.68
C ARG B 347 3.23 -0.56 31.17
N PRO B 348 2.52 0.26 31.94
CA PRO B 348 1.32 0.90 31.43
C PRO B 348 1.68 2.07 30.53
N THR B 349 0.67 2.61 29.86
CA THR B 349 0.87 3.76 28.97
C THR B 349 0.75 5.07 29.73
N ALA B 350 1.54 6.04 29.32
CA ALA B 350 1.40 7.39 29.83
C ALA B 350 0.31 8.11 29.07
N LEU B 351 -0.63 8.71 29.79
CA LEU B 351 -1.74 9.40 29.13
C LEU B 351 -1.27 10.65 28.42
N THR B 352 -0.35 11.40 29.03
CA THR B 352 0.11 12.67 28.47
C THR B 352 1.62 12.67 28.33
N SER B 353 2.09 13.15 27.18
CA SER B 353 3.46 13.57 27.00
C SER B 353 3.45 14.99 26.46
N PRO B 354 4.36 15.85 26.91
CA PRO B 354 4.29 17.26 26.52
C PRO B 354 4.71 17.53 25.09
N GLU B 355 5.34 16.57 24.41
CA GLU B 355 5.48 16.68 22.95
C GLU B 355 4.13 16.47 22.27
N LEU B 356 3.25 15.69 22.89
CA LEU B 356 1.90 15.49 22.36
C LEU B 356 1.02 16.69 22.67
N SER B 357 1.17 17.29 23.87
CA SER B 357 0.42 18.49 24.19
C SER B 357 0.81 19.65 23.28
N SER B 358 2.09 19.73 22.91
CA SER B 358 2.55 20.76 21.99
C SER B 358 2.05 20.53 20.57
N TRP B 359 1.67 19.30 20.23
CA TRP B 359 1.15 18.99 18.91
C TRP B 359 -0.36 19.14 18.83
N SER B 360 -1.07 18.73 19.88
CA SER B 360 -2.53 18.84 19.88
C SER B 360 -2.98 20.30 19.88
N ALA B 361 -2.19 21.20 20.46
CA ALA B 361 -2.56 22.61 20.52
C ALA B 361 -2.43 23.30 19.16
N SER B 362 -1.63 22.75 18.24
CA SER B 362 -1.44 23.34 16.92
C SER B 362 -2.49 22.90 15.92
N ARG B 363 -3.39 21.99 16.29
CA ARG B 363 -4.44 21.53 15.39
C ARG B 363 -5.63 22.48 15.40
NI NI C . 6.88 4.50 -17.50
C5 9DJ D . 9.07 3.34 -18.95
C6 9DJ D . 9.98 2.37 -19.33
C7 9DJ D . 10.88 0.05 -19.29
C13 9DJ D . 7.78 -3.03 -17.94
C15 9DJ D . 6.24 -4.94 -17.59
C17 9DJ D . 6.13 -2.94 -15.99
C20 9DJ D . 4.26 -2.66 -14.48
C21 9DJ D . 5.49 -2.22 -14.99
C24 9DJ D . 1.82 -3.77 -13.27
C26 9DJ D . 0.08 -2.51 -12.19
C28 9DJ D . 1.85 -3.47 -10.88
O9 9DJ D . 10.53 -1.15 -19.44
O8 9DJ D . 12.08 0.39 -19.49
C1 9DJ D . 9.86 1.10 -18.86
N4 9DJ D . 8.05 3.01 -18.12
C3 9DJ D . 7.93 1.75 -17.65
C2 9DJ D . 8.84 0.78 -18.02
N10 9DJ D . 8.70 -0.57 -17.53
C11 9DJ D . 7.58 -0.95 -16.68
C12 9DJ D . 7.53 -2.45 -16.56
C19 9DJ D . 3.67 -3.83 -14.98
C18 9DJ D . 4.32 -4.56 -15.98
C16 9DJ D . 5.54 -4.11 -16.49
C14 9DJ D . 7.60 -4.52 -18.01
N22 9DJ D . 2.39 -4.31 -14.48
C23 9DJ D . 1.56 -5.13 -15.34
C29 9DJ D . 2.42 -3.99 -12.03
C27 9DJ D . 0.67 -2.73 -10.96
C25 9DJ D . 0.64 -3.03 -13.34
NI NI E . -7.90 -8.46 15.45
ZN ZN F . 3.62 -12.87 4.20
C5 9DJ G . -10.60 -9.32 16.17
C6 9DJ G . -11.89 -9.72 15.89
C7 9DJ G . -13.69 -10.37 14.29
C13 9DJ G . -12.29 -11.86 10.34
C15 9DJ G . -11.47 -13.26 8.48
C17 9DJ G . -10.37 -11.00 8.84
C20 9DJ G . -8.43 -10.34 7.56
C21 9DJ G . -9.39 -10.06 8.53
C24 9DJ G . -6.41 -10.92 5.57
C26 9DJ G . -5.65 -8.95 4.42
C28 9DJ G . -4.16 -10.15 5.86
O9 9DJ G . -13.94 -11.02 13.23
O8 9DJ G . -14.62 -10.07 15.08
C1 9DJ G . -12.26 -9.93 14.60
N4 9DJ G . -9.70 -9.14 15.17
C3 9DJ G . -10.07 -9.35 13.89
C2 9DJ G . -11.36 -9.75 13.60
N10 9DJ G . -11.76 -9.98 12.22
C11 9DJ G . -10.76 -10.14 11.18
C12 9DJ G . -11.45 -10.66 9.94
C19 9DJ G . -8.45 -11.57 6.88
C18 9DJ G . -9.43 -12.51 7.19
C16 9DJ G . -10.39 -12.22 8.17
C14 9DJ G . -12.65 -12.78 9.22
N22 9DJ G . -7.45 -11.88 5.87
C23 9DJ G . -7.26 -13.27 5.49
C29 9DJ G . -5.16 -11.07 6.14
C27 9DJ G . -4.41 -9.10 4.99
C25 9DJ G . -6.66 -9.86 4.71
#